data_4EB5
#
_entry.id   4EB5
#
_cell.length_a   76.411
_cell.length_b   94.897
_cell.length_c   150.585
_cell.angle_alpha   90.00
_cell.angle_beta   90.00
_cell.angle_gamma   90.00
#
_symmetry.space_group_name_H-M   'P 21 21 21'
#
loop_
_entity.id
_entity.type
_entity.pdbx_description
1 polymer 'Probable cysteine desulfurase 2'
2 polymer 'NifU protein (NifU-1)'
3 non-polymer "PYRIDOXAL-5'-PHOSPHATE"
4 non-polymer GLYCEROL
5 non-polymer '4-(2-HYDROXYETHYL)-1-PIPERAZINE ETHANESULFONIC ACID'
6 non-polymer 'FE2/S2 (INORGANIC) CLUSTER'
7 water water
#
loop_
_entity_poly.entity_id
_entity_poly.type
_entity_poly.pdbx_seq_one_letter_code
_entity_poly.pdbx_strand_id
1 'polypeptide(L)'
;MAYFDYTSAKPVDERILEAMLPYMTESFGNPSSVHSYGFKAREAVQEAREKVAKLVNGGGGTVVFTSGATEANNLAIIGY
AMRNARKGKHILVSAVEHMSVINPAKFLQKQGFEVEYIPVGKYGEVDVSFIDQKLRDDTILVSVQHANNEIGTIQPVEEI
SEVLAGKAALHIDATASVGQIEVDVEKIGADMLTISSNDIYGPKGVGALWIRKEAKLQPVILGGGQENGLRSGSENVPSI
VGFGKAAEITAMEWREEAERLRRLRDRIIDNVLKIEESYLNGHPEKRLPNNVNVRFSYIEGESIVLSLDMAGIQASTGSA
CSSKTLQPSHVLMACGLKHEEAHGTLLLTLGRYNTDEDVDRLLEVLPGVIERLRSMSPLYRR
;
A,B
2 'polypeptide(L)'
;MYSDKVFDHFQNPRNVGKIEDADGVGTVGNPVCGDLMTIYIKVKDNRIEDIKFQTFGCAAAIATSSMATEMAKGKTIEEA
LKITRDAVAEALGGLPKQKMHCSNLAADALRRAIVDYFRKNGKIDKIKELGLEKELEKMEKGEMDDHGEYCEA
;
C,D
#
loop_
_chem_comp.id
_chem_comp.type
_chem_comp.name
_chem_comp.formula
EPE non-polymer '4-(2-HYDROXYETHYL)-1-PIPERAZINE ETHANESULFONIC ACID' 'C8 H18 N2 O4 S'
FES non-polymer 'FE2/S2 (INORGANIC) CLUSTER' 'Fe2 S2'
GOL non-polymer GLYCEROL 'C3 H8 O3'
PLP non-polymer PYRIDOXAL-5'-PHOSPHATE 'C8 H10 N O6 P'
#
# COMPACT_ATOMS: atom_id res chain seq x y z
N ALA A 2 -24.44 18.41 3.99
CA ALA A 2 -24.83 17.53 2.85
C ALA A 2 -23.60 17.06 2.08
N TYR A 3 -22.98 15.98 2.53
CA TYR A 3 -21.87 15.37 1.76
C TYR A 3 -22.43 14.40 0.74
N PHE A 4 -22.24 14.70 -0.53
CA PHE A 4 -22.74 13.86 -1.60
C PHE A 4 -21.58 13.33 -2.52
N ASP A 5 -20.47 12.94 -1.88
CA ASP A 5 -19.29 12.57 -2.62
C ASP A 5 -18.66 11.22 -2.17
N TYR A 6 -19.45 10.40 -1.52
CA TYR A 6 -19.04 9.06 -1.09
C TYR A 6 -18.22 8.19 -2.09
N THR A 7 -18.31 8.42 -3.41
CA THR A 7 -17.40 7.71 -4.33
C THR A 7 -15.90 7.96 -4.10
N SER A 8 -15.54 9.13 -3.60
CA SER A 8 -14.14 9.48 -3.53
C SER A 8 -13.49 9.20 -2.19
N ALA A 9 -14.29 9.12 -1.14
CA ALA A 9 -13.79 8.92 0.24
C ALA A 9 -14.99 8.76 1.17
N LYS A 10 -14.86 7.87 2.16
CA LYS A 10 -15.90 7.68 3.17
C LYS A 10 -15.33 7.87 4.59
N PRO A 11 -16.18 8.23 5.56
CA PRO A 11 -15.75 8.20 6.94
C PRO A 11 -15.62 6.76 7.44
N VAL A 12 -14.82 6.56 8.47
CA VAL A 12 -14.74 5.27 9.13
C VAL A 12 -15.87 5.21 10.14
N ASP A 13 -16.61 4.10 10.16
CA ASP A 13 -17.69 3.87 11.10
C ASP A 13 -17.03 3.77 12.46
N GLU A 14 -17.67 4.35 13.48
CA GLU A 14 -17.11 4.33 14.85
C GLU A 14 -16.84 2.92 15.33
N ARG A 15 -17.74 2.01 14.94
CA ARG A 15 -17.57 0.60 15.26
C ARG A 15 -16.28 0.06 14.66
N ILE A 16 -15.92 0.51 13.46
CA ILE A 16 -14.68 0.02 12.85
C ILE A 16 -13.50 0.62 13.63
N LEU A 17 -13.64 1.90 13.99
CA LEU A 17 -12.60 2.59 14.74
C LEU A 17 -12.39 1.97 16.13
N GLU A 18 -13.44 1.44 16.73
CA GLU A 18 -13.30 0.77 18.06
C GLU A 18 -12.55 -0.54 17.99
N ALA A 19 -12.75 -1.31 16.95
CA ALA A 19 -11.96 -2.54 16.75
C ALA A 19 -10.50 -2.30 16.34
N MET A 20 -10.20 -1.19 15.67
CA MET A 20 -8.83 -0.88 15.21
C MET A 20 -7.86 -0.46 16.30
N LEU A 21 -8.29 0.48 17.14
CA LEU A 21 -7.44 1.17 18.12
C LEU A 21 -6.62 0.28 19.03
N PRO A 22 -7.20 -0.81 19.58
CA PRO A 22 -6.31 -1.64 20.36
C PRO A 22 -5.09 -2.15 19.59
N TYR A 23 -5.22 -2.41 18.30
CA TYR A 23 -4.05 -2.93 17.60
C TYR A 23 -2.95 -1.87 17.31
N MET A 24 -3.29 -0.60 17.52
CA MET A 24 -2.39 0.50 17.27
C MET A 24 -1.49 0.87 18.42
N THR A 25 -1.95 0.62 19.65
CA THR A 25 -1.21 1.04 20.82
C THR A 25 -0.97 -0.10 21.80
N GLU A 26 -1.92 -1.01 21.92
CA GLU A 26 -1.80 -2.09 22.89
C GLU A 26 -1.27 -3.36 22.29
N SER A 27 -1.98 -3.88 21.29
CA SER A 27 -1.53 -5.13 20.70
C SER A 27 -0.90 -4.96 19.32
N PHE A 28 0.27 -4.32 19.29
CA PHE A 28 0.92 -3.89 18.06
C PHE A 28 1.89 -4.94 17.45
N GLY A 29 1.89 -6.18 17.92
CA GLY A 29 2.84 -7.14 17.40
C GLY A 29 2.83 -7.42 15.88
N ASN A 30 3.92 -7.99 15.42
CA ASN A 30 4.12 -8.42 14.05
C ASN A 30 3.70 -9.89 13.90
N PRO A 31 2.73 -10.15 13.02
CA PRO A 31 2.22 -11.51 12.73
C PRO A 31 3.29 -12.61 12.54
N SER A 32 4.45 -12.29 11.97
CA SER A 32 5.58 -13.20 11.85
C SER A 32 6.44 -13.36 13.11
N SER A 33 6.26 -12.53 14.14
CA SER A 33 6.98 -12.76 15.41
C SER A 33 6.52 -14.03 16.13
N VAL A 34 7.45 -14.93 16.42
CA VAL A 34 7.14 -16.13 17.21
C VAL A 34 7.13 -15.82 18.71
N HIS A 35 6.26 -14.91 19.12
CA HIS A 35 5.96 -14.76 20.55
C HIS A 35 4.47 -14.38 20.70
N SER A 36 4.00 -14.31 21.94
CA SER A 36 2.61 -13.92 22.20
C SER A 36 2.13 -12.75 21.37
N TYR A 37 2.92 -11.68 21.26
CA TYR A 37 2.40 -10.49 20.56
C TYR A 37 2.18 -10.81 19.10
N GLY A 38 3.11 -11.58 18.55
CA GLY A 38 3.02 -12.09 17.20
C GLY A 38 1.84 -13.03 17.04
N PHE A 39 1.54 -13.81 18.07
CA PHE A 39 0.49 -14.81 17.95
C PHE A 39 -0.89 -14.17 18.02
N LYS A 40 -1.06 -13.14 18.86
CA LYS A 40 -2.30 -12.38 18.87
C LYS A 40 -2.49 -11.74 17.50
N ALA A 41 -1.37 -11.33 16.87
CA ALA A 41 -1.35 -10.59 15.60
C ALA A 41 -1.80 -11.45 14.42
N ARG A 42 -1.29 -12.68 14.39
CA ARG A 42 -1.69 -13.63 13.39
C ARG A 42 -3.17 -13.91 13.50
N GLU A 43 -3.62 -14.18 14.72
CA GLU A 43 -4.98 -14.59 14.97
C GLU A 43 -5.94 -13.52 14.51
N ALA A 44 -5.60 -12.24 14.72
CA ALA A 44 -6.51 -11.17 14.33
C ALA A 44 -6.51 -11.05 12.82
N VAL A 45 -5.32 -11.19 12.20
CA VAL A 45 -5.21 -11.09 10.73
C VAL A 45 -6.07 -12.15 10.07
N GLN A 46 -6.01 -13.37 10.62
CA GLN A 46 -6.71 -14.53 10.04
C GLN A 46 -8.22 -14.35 10.24
N GLU A 47 -8.63 -13.91 11.43
CA GLU A 47 -10.03 -13.62 11.71
C GLU A 47 -10.54 -12.70 10.59
N ALA A 48 -9.80 -11.63 10.36
CA ALA A 48 -10.17 -10.64 9.35
C ALA A 48 -10.29 -11.29 7.97
N ARG A 49 -9.32 -12.17 7.65
CA ARG A 49 -9.21 -12.79 6.33
C ARG A 49 -10.49 -13.58 6.06
N GLU A 50 -10.95 -14.29 7.08
CA GLU A 50 -12.20 -15.07 7.00
C GLU A 50 -13.43 -14.17 6.90
N LYS A 51 -13.37 -12.97 7.49
CA LYS A 51 -14.56 -12.10 7.45
C LYS A 51 -14.71 -11.46 6.08
N VAL A 52 -13.60 -11.14 5.45
CA VAL A 52 -13.60 -10.65 4.08
C VAL A 52 -13.97 -11.77 3.09
N ALA A 53 -13.46 -12.98 3.28
CA ALA A 53 -13.95 -14.11 2.44
C ALA A 53 -15.46 -14.29 2.58
N LYS A 54 -15.95 -14.28 3.83
CA LYS A 54 -17.36 -14.61 4.03
C LYS A 54 -18.25 -13.57 3.41
N LEU A 55 -17.83 -12.29 3.48
CA LEU A 55 -18.60 -11.22 2.87
C LEU A 55 -18.94 -11.55 1.41
N VAL A 56 -17.99 -12.08 0.65
CA VAL A 56 -18.21 -12.36 -0.75
C VAL A 56 -18.50 -13.80 -1.03
N ASN A 57 -18.67 -14.65 0.01
CA ASN A 57 -18.80 -16.13 -0.18
C ASN A 57 -17.55 -16.71 -0.87
N GLY A 58 -16.37 -16.42 -0.30
CA GLY A 58 -15.04 -16.65 -0.93
C GLY A 58 -14.25 -17.85 -0.41
N GLY A 59 -14.94 -18.78 0.26
CA GLY A 59 -14.31 -20.01 0.74
C GLY A 59 -13.67 -20.86 -0.33
N GLY A 60 -14.08 -20.72 -1.59
CA GLY A 60 -13.43 -21.47 -2.66
C GLY A 60 -12.10 -20.92 -3.17
N GLY A 61 -11.48 -20.03 -2.39
CA GLY A 61 -10.21 -19.42 -2.76
C GLY A 61 -9.59 -18.63 -1.62
N THR A 62 -8.66 -17.74 -1.95
CA THR A 62 -7.82 -17.06 -0.97
C THR A 62 -7.90 -15.50 -1.01
N VAL A 63 -7.83 -14.89 0.17
CA VAL A 63 -7.83 -13.44 0.34
C VAL A 63 -6.38 -12.90 0.44
N VAL A 64 -6.02 -11.94 -0.41
CA VAL A 64 -4.69 -11.32 -0.31
C VAL A 64 -4.87 -9.83 0.05
N PHE A 65 -4.26 -9.39 1.15
CA PHE A 65 -4.46 -7.99 1.56
C PHE A 65 -3.49 -7.09 0.76
N THR A 66 -3.95 -5.90 0.39
CA THR A 66 -3.11 -5.00 -0.36
C THR A 66 -3.31 -3.64 0.24
N SER A 67 -2.68 -2.64 -0.36
CA SER A 67 -2.77 -1.27 0.17
C SER A 67 -4.07 -0.59 -0.29
N GLY A 68 -4.86 -1.29 -1.10
CA GLY A 68 -6.10 -0.75 -1.61
C GLY A 68 -6.49 -1.43 -2.91
N ALA A 69 -7.59 -0.93 -3.50
CA ALA A 69 -8.15 -1.45 -4.76
C ALA A 69 -7.21 -1.24 -5.94
N THR A 70 -6.44 -0.16 -5.86
CA THR A 70 -5.54 0.15 -6.94
C THR A 70 -4.46 -0.93 -7.09
N GLU A 71 -3.79 -1.25 -6.00
CA GLU A 71 -2.78 -2.31 -6.00
C GLU A 71 -3.32 -3.71 -6.35
N ALA A 72 -4.49 -4.06 -5.80
CA ALA A 72 -5.17 -5.32 -6.08
C ALA A 72 -5.53 -5.44 -7.57
N ASN A 73 -5.99 -4.35 -8.17
CA ASN A 73 -6.23 -4.30 -9.61
C ASN A 73 -4.91 -4.48 -10.39
N ASN A 74 -3.85 -3.86 -9.89
CA ASN A 74 -2.55 -3.97 -10.50
C ASN A 74 -2.02 -5.40 -10.46
N LEU A 75 -2.25 -6.06 -9.32
CA LEU A 75 -1.76 -7.40 -9.08
C LEU A 75 -2.56 -8.39 -9.90
N ALA A 76 -3.85 -8.16 -9.99
CA ALA A 76 -4.70 -9.09 -10.74
C ALA A 76 -4.41 -9.08 -12.23
N ILE A 77 -4.11 -7.90 -12.76
CA ILE A 77 -3.89 -7.73 -14.20
C ILE A 77 -2.46 -8.12 -14.59
N ILE A 78 -1.46 -7.44 -13.98
CA ILE A 78 -0.07 -7.75 -14.23
C ILE A 78 0.29 -9.12 -13.68
N GLY A 79 -0.08 -9.37 -12.43
CA GLY A 79 0.25 -10.61 -11.74
C GLY A 79 -0.28 -11.87 -12.38
N TYR A 80 -1.52 -11.81 -12.86
CA TYR A 80 -2.13 -12.96 -13.53
C TYR A 80 -1.48 -13.12 -14.91
N ALA A 81 -1.33 -12.00 -15.64
CA ALA A 81 -0.88 -12.09 -17.02
C ALA A 81 0.54 -12.68 -17.17
N MET A 82 1.47 -12.22 -16.35
CA MET A 82 2.86 -12.61 -16.51
C MET A 82 3.05 -14.07 -16.16
N ARG A 83 2.25 -14.52 -15.18
CA ARG A 83 2.30 -15.87 -14.64
C ARG A 83 1.73 -16.93 -15.61
N ASN A 84 0.71 -16.55 -16.37
CA ASN A 84 0.04 -17.45 -17.31
C ASN A 84 0.32 -17.11 -18.77
N ALA A 85 1.28 -16.23 -19.02
CA ALA A 85 1.78 -15.90 -20.38
C ALA A 85 1.99 -17.11 -21.28
N ARG A 86 2.48 -18.22 -20.73
CA ARG A 86 2.71 -19.43 -21.55
C ARG A 86 1.43 -19.95 -22.18
N LYS A 87 0.27 -19.71 -21.62
CA LYS A 87 -0.94 -20.18 -22.31
C LYS A 87 -1.58 -19.15 -23.26
N GLY A 88 -0.88 -18.04 -23.47
CA GLY A 88 -1.36 -17.04 -24.40
C GLY A 88 -1.18 -15.63 -23.84
N LYS A 89 -1.29 -14.67 -24.75
CA LYS A 89 -0.92 -13.31 -24.44
C LYS A 89 -2.02 -12.35 -24.83
N HIS A 90 -3.23 -12.86 -25.02
CA HIS A 90 -4.36 -12.05 -25.43
C HIS A 90 -5.30 -11.75 -24.22
N ILE A 91 -5.67 -10.49 -24.04
CA ILE A 91 -6.47 -10.02 -22.90
C ILE A 91 -7.62 -9.12 -23.38
N LEU A 92 -8.77 -9.21 -22.73
CA LEU A 92 -9.84 -8.23 -22.96
C LEU A 92 -10.07 -7.43 -21.70
N VAL A 93 -10.29 -6.14 -21.86
CA VAL A 93 -10.46 -5.19 -20.73
C VAL A 93 -11.58 -4.23 -21.12
N SER A 94 -12.52 -4.04 -20.22
CA SER A 94 -13.66 -3.21 -20.56
C SER A 94 -13.26 -1.74 -20.72
N ALA A 95 -13.98 -1.00 -21.56
CA ALA A 95 -13.55 0.36 -21.91
C ALA A 95 -13.82 1.33 -20.77
N VAL A 96 -14.76 0.97 -19.91
CA VAL A 96 -15.10 1.80 -18.78
C VAL A 96 -14.38 1.45 -17.46
N GLU A 97 -13.43 0.54 -17.50
CA GLU A 97 -12.77 0.14 -16.27
C GLU A 97 -12.09 1.34 -15.60
N HIS A 98 -11.91 1.21 -14.29
CA HIS A 98 -11.08 2.16 -13.58
C HIS A 98 -9.69 2.31 -14.20
N MET A 99 -9.09 3.49 -14.04
CA MET A 99 -7.71 3.63 -14.53
C MET A 99 -6.71 2.65 -13.91
N SER A 100 -7.01 2.12 -12.73
CA SER A 100 -6.14 1.10 -12.07
C SER A 100 -6.23 -0.30 -12.69
N VAL A 101 -7.10 -0.45 -13.67
CA VAL A 101 -7.06 -1.64 -14.51
C VAL A 101 -6.54 -1.25 -15.90
N ILE A 102 -7.00 -0.12 -16.44
CA ILE A 102 -6.59 0.33 -17.77
C ILE A 102 -5.09 0.57 -17.89
N ASN A 103 -4.48 1.16 -16.87
CA ASN A 103 -3.08 1.48 -17.01
C ASN A 103 -2.15 0.27 -16.92
N PRO A 104 -2.43 -0.68 -16.02
CA PRO A 104 -1.73 -1.97 -16.05
C PRO A 104 -1.94 -2.67 -17.39
N ALA A 105 -3.15 -2.59 -17.92
CA ALA A 105 -3.41 -3.08 -19.26
C ALA A 105 -2.44 -2.45 -20.29
N LYS A 106 -2.34 -1.12 -20.26
CA LYS A 106 -1.43 -0.41 -21.18
C LYS A 106 0.04 -0.77 -20.99
N PHE A 107 0.43 -1.17 -19.78
CA PHE A 107 1.80 -1.56 -19.52
C PHE A 107 2.12 -2.92 -20.17
N LEU A 108 1.11 -3.79 -20.24
CA LEU A 108 1.26 -5.12 -20.76
C LEU A 108 1.29 -5.08 -22.31
N GLN A 109 0.64 -4.06 -22.87
CA GLN A 109 0.76 -3.77 -24.28
C GLN A 109 2.19 -3.42 -24.72
N LYS A 110 3.05 -2.99 -23.78
CA LYS A 110 4.46 -2.79 -24.10
C LYS A 110 5.27 -4.03 -23.80
N GLN A 111 4.63 -5.01 -23.16
CA GLN A 111 5.40 -6.17 -22.75
C GLN A 111 5.10 -7.36 -23.66
N GLY A 112 4.43 -7.09 -24.76
CA GLY A 112 4.14 -8.08 -25.74
C GLY A 112 2.78 -8.72 -25.66
N PHE A 113 1.89 -8.16 -24.86
CA PHE A 113 0.54 -8.72 -24.82
C PHE A 113 -0.35 -7.97 -25.79
N GLU A 114 -1.33 -8.67 -26.34
CA GLU A 114 -2.32 -8.05 -27.19
C GLU A 114 -3.57 -7.76 -26.34
N VAL A 115 -3.91 -6.49 -26.14
CA VAL A 115 -5.10 -6.14 -25.33
C VAL A 115 -6.18 -5.57 -26.23
N GLU A 116 -7.40 -6.07 -26.14
CA GLU A 116 -8.51 -5.37 -26.79
C GLU A 116 -9.52 -4.81 -25.75
N TYR A 117 -9.97 -3.58 -25.98
CA TYR A 117 -10.84 -2.91 -25.04
C TYR A 117 -12.26 -3.06 -25.50
N ILE A 118 -13.14 -3.53 -24.60
CA ILE A 118 -14.52 -3.88 -24.94
C ILE A 118 -15.42 -2.64 -24.98
N PRO A 119 -16.05 -2.35 -26.11
CA PRO A 119 -16.87 -1.14 -26.13
C PRO A 119 -18.10 -1.29 -25.24
N VAL A 120 -18.71 -0.14 -24.91
CA VAL A 120 -20.00 -0.13 -24.20
C VAL A 120 -21.03 0.56 -25.06
N GLY A 121 -22.31 0.32 -24.77
CA GLY A 121 -23.38 1.08 -25.39
C GLY A 121 -23.63 2.38 -24.63
N LYS A 122 -24.70 3.08 -25.01
CA LYS A 122 -24.91 4.46 -24.54
C LYS A 122 -25.07 4.55 -23.04
N TYR A 123 -25.52 3.48 -22.39
CA TYR A 123 -25.72 3.47 -20.95
C TYR A 123 -24.50 3.02 -20.16
N GLY A 124 -23.42 2.80 -20.89
CA GLY A 124 -22.19 2.32 -20.28
C GLY A 124 -22.19 0.84 -20.00
N GLU A 125 -23.13 0.10 -20.58
CA GLU A 125 -23.11 -1.34 -20.40
C GLU A 125 -22.17 -2.05 -21.41
N VAL A 126 -21.34 -2.95 -20.90
CA VAL A 126 -20.39 -3.73 -21.68
C VAL A 126 -21.05 -4.62 -22.76
N ASP A 127 -20.44 -4.64 -23.93
CA ASP A 127 -20.97 -5.36 -25.08
C ASP A 127 -20.57 -6.82 -25.02
N VAL A 128 -21.52 -7.69 -24.71
CA VAL A 128 -21.27 -9.11 -24.44
C VAL A 128 -20.96 -9.91 -25.71
N SER A 129 -21.55 -9.50 -26.84
CA SER A 129 -21.29 -10.14 -28.14
C SER A 129 -19.90 -9.90 -28.69
N PHE A 130 -19.33 -8.73 -28.40
CA PHE A 130 -17.93 -8.47 -28.64
C PHE A 130 -17.01 -9.52 -27.97
N ILE A 131 -17.14 -9.65 -26.64
CA ILE A 131 -16.43 -10.67 -25.88
C ILE A 131 -16.58 -12.03 -26.59
N ASP A 132 -17.81 -12.44 -26.82
CA ASP A 132 -18.07 -13.71 -27.53
C ASP A 132 -17.36 -13.90 -28.87
N GLN A 133 -17.22 -12.83 -29.65
CA GLN A 133 -16.56 -12.90 -30.97
C GLN A 133 -15.06 -12.78 -30.90
N LYS A 134 -14.55 -12.03 -29.92
CA LYS A 134 -13.15 -11.68 -29.89
C LYS A 134 -12.33 -12.69 -29.12
N LEU A 135 -13.03 -13.67 -28.59
CA LEU A 135 -12.46 -14.72 -27.76
C LEU A 135 -11.69 -15.79 -28.59
N ARG A 136 -10.46 -16.11 -28.19
CA ARG A 136 -9.60 -16.99 -28.99
C ARG A 136 -8.92 -18.11 -28.18
N ASP A 137 -8.28 -19.08 -28.85
CA ASP A 137 -7.63 -20.15 -28.07
C ASP A 137 -6.57 -19.58 -27.15
N ASP A 138 -6.05 -18.39 -27.47
CA ASP A 138 -4.99 -17.75 -26.65
C ASP A 138 -5.45 -16.58 -25.70
N THR A 139 -6.76 -16.41 -25.51
CA THR A 139 -7.26 -15.41 -24.53
C THR A 139 -7.05 -15.95 -23.15
N ILE A 140 -6.34 -15.23 -22.30
CA ILE A 140 -6.03 -15.79 -21.00
C ILE A 140 -6.74 -15.06 -19.86
N LEU A 141 -7.35 -13.90 -20.14
CA LEU A 141 -7.89 -13.04 -19.11
C LEU A 141 -8.92 -11.97 -19.55
N VAL A 142 -10.02 -11.94 -18.86
CA VAL A 142 -11.01 -10.93 -19.14
C VAL A 142 -11.25 -10.12 -17.85
N SER A 143 -11.06 -8.81 -17.94
CA SER A 143 -11.36 -7.93 -16.78
C SER A 143 -12.51 -7.02 -17.11
N VAL A 144 -13.54 -7.10 -16.26
CA VAL A 144 -14.80 -6.36 -16.40
C VAL A 144 -15.33 -6.07 -14.99
N GLN A 145 -15.57 -4.79 -14.71
CA GLN A 145 -16.05 -4.32 -13.42
C GLN A 145 -17.44 -4.85 -13.06
N HIS A 146 -17.74 -4.92 -11.77
CA HIS A 146 -19.07 -5.31 -11.37
C HIS A 146 -20.07 -4.21 -11.72
N ALA A 147 -19.66 -2.97 -11.49
CA ALA A 147 -20.50 -1.80 -11.70
C ALA A 147 -19.59 -0.58 -11.80
N ASN A 148 -20.09 0.44 -12.48
CA ASN A 148 -19.31 1.66 -12.68
C ASN A 148 -19.53 2.61 -11.55
N ASN A 149 -18.45 3.11 -10.92
CA ASN A 149 -18.63 4.15 -9.87
C ASN A 149 -19.00 5.52 -10.39
N GLU A 150 -18.84 5.72 -11.70
CA GLU A 150 -19.07 7.01 -12.28
C GLU A 150 -20.51 7.18 -12.72
N ILE A 151 -21.07 6.17 -13.37
CA ILE A 151 -22.39 6.39 -13.92
C ILE A 151 -23.36 5.39 -13.37
N GLY A 152 -22.89 4.64 -12.38
CA GLY A 152 -23.73 3.74 -11.63
C GLY A 152 -24.18 2.49 -12.35
N THR A 153 -23.82 2.31 -13.63
CA THR A 153 -24.28 1.12 -14.40
C THR A 153 -23.77 -0.21 -13.86
N ILE A 154 -24.68 -1.11 -13.57
CA ILE A 154 -24.32 -2.51 -13.26
C ILE A 154 -24.05 -3.39 -14.50
N GLN A 155 -22.91 -4.06 -14.51
CA GLN A 155 -22.45 -4.85 -15.66
C GLN A 155 -23.01 -6.25 -15.59
N PRO A 156 -23.11 -6.92 -16.76
CA PRO A 156 -23.61 -8.28 -16.99
C PRO A 156 -22.62 -9.43 -16.70
N VAL A 157 -22.14 -9.53 -15.47
CA VAL A 157 -21.03 -10.45 -15.19
C VAL A 157 -21.34 -11.93 -15.28
N GLU A 158 -22.51 -12.33 -14.80
CA GLU A 158 -22.92 -13.72 -14.86
C GLU A 158 -22.94 -14.26 -16.31
N GLU A 159 -23.62 -13.56 -17.22
CA GLU A 159 -23.58 -13.85 -18.65
C GLU A 159 -22.16 -13.99 -19.16
N ILE A 160 -21.31 -13.02 -18.79
CA ILE A 160 -19.94 -12.98 -19.28
C ILE A 160 -19.26 -14.30 -18.88
N SER A 161 -19.50 -14.69 -17.64
CA SER A 161 -18.97 -15.85 -17.00
C SER A 161 -19.44 -17.06 -17.77
N GLU A 162 -20.67 -16.98 -18.28
CA GLU A 162 -21.23 -18.08 -19.02
C GLU A 162 -20.53 -18.22 -20.37
N VAL A 163 -20.42 -17.11 -21.09
CA VAL A 163 -19.66 -17.00 -22.32
C VAL A 163 -18.23 -17.50 -22.16
N LEU A 164 -17.54 -17.03 -21.13
CA LEU A 164 -16.13 -17.43 -20.99
C LEU A 164 -16.03 -18.90 -20.65
N ALA A 165 -17.01 -19.36 -19.85
CA ALA A 165 -17.31 -20.78 -19.70
C ALA A 165 -16.03 -21.56 -19.51
N GLY A 166 -15.11 -21.02 -18.71
CA GLY A 166 -13.86 -21.70 -18.42
C GLY A 166 -12.88 -21.83 -19.59
N LYS A 167 -12.80 -20.80 -20.42
CA LYS A 167 -11.73 -20.75 -21.42
C LYS A 167 -10.66 -19.74 -21.01
N ALA A 168 -11.07 -18.77 -20.20
CA ALA A 168 -10.18 -17.70 -19.80
C ALA A 168 -10.52 -17.25 -18.37
N ALA A 169 -9.52 -16.79 -17.62
CA ALA A 169 -9.77 -16.16 -16.30
C ALA A 169 -10.67 -14.92 -16.36
N LEU A 170 -11.55 -14.80 -15.40
CA LEU A 170 -12.43 -13.63 -15.31
C LEU A 170 -12.07 -12.79 -14.13
N HIS A 171 -11.54 -11.58 -14.36
CA HIS A 171 -11.30 -10.64 -13.24
C HIS A 171 -12.36 -9.57 -13.07
N ILE A 172 -12.85 -9.47 -11.83
CA ILE A 172 -13.97 -8.56 -11.52
C ILE A 172 -13.63 -7.50 -10.49
N ASP A 173 -13.63 -6.26 -10.93
CA ASP A 173 -13.41 -5.13 -10.02
C ASP A 173 -14.70 -4.81 -9.33
N ALA A 174 -14.79 -5.06 -8.02
CA ALA A 174 -16.03 -4.88 -7.29
C ALA A 174 -16.00 -3.72 -6.26
N THR A 175 -14.98 -2.87 -6.34
CA THR A 175 -14.90 -1.64 -5.54
C THR A 175 -16.24 -0.91 -5.44
N ALA A 176 -17.04 -0.93 -6.51
CA ALA A 176 -18.23 -0.08 -6.50
C ALA A 176 -19.42 -0.78 -5.86
N SER A 177 -19.47 -2.09 -6.04
CA SER A 177 -20.67 -2.88 -5.76
C SER A 177 -20.78 -3.41 -4.33
N VAL A 178 -19.65 -3.66 -3.68
CA VAL A 178 -19.69 -4.31 -2.40
C VAL A 178 -20.38 -3.45 -1.35
N GLY A 179 -21.50 -3.96 -0.85
CA GLY A 179 -22.31 -3.29 0.13
C GLY A 179 -23.50 -2.60 -0.48
N GLN A 180 -23.56 -2.60 -1.81
CA GLN A 180 -24.62 -1.94 -2.55
C GLN A 180 -25.61 -2.96 -3.06
N ILE A 181 -25.07 -3.99 -3.73
CA ILE A 181 -25.84 -5.08 -4.33
C ILE A 181 -25.11 -6.36 -3.95
N GLU A 182 -25.71 -7.49 -4.25
CA GLU A 182 -25.21 -8.76 -3.80
C GLU A 182 -23.92 -9.07 -4.52
N VAL A 183 -22.88 -9.37 -3.73
CA VAL A 183 -21.59 -9.75 -4.32
C VAL A 183 -21.21 -11.18 -3.94
N ASP A 184 -21.43 -12.10 -4.86
CA ASP A 184 -21.16 -13.49 -4.52
C ASP A 184 -20.30 -14.06 -5.63
N VAL A 185 -19.04 -14.31 -5.32
CA VAL A 185 -18.08 -14.83 -6.32
C VAL A 185 -18.52 -16.14 -6.96
N GLU A 186 -19.39 -16.91 -6.29
CA GLU A 186 -19.84 -18.17 -6.88
C GLU A 186 -20.92 -17.92 -7.91
N LYS A 187 -21.86 -17.05 -7.55
CA LYS A 187 -22.95 -16.69 -8.43
C LYS A 187 -22.46 -16.01 -9.72
N ILE A 188 -21.35 -15.27 -9.63
CA ILE A 188 -20.87 -14.42 -10.74
C ILE A 188 -19.66 -15.00 -11.48
N GLY A 189 -19.10 -16.10 -10.97
CA GLY A 189 -18.06 -16.89 -11.62
C GLY A 189 -16.71 -16.18 -11.70
N ALA A 190 -16.35 -15.47 -10.63
CA ALA A 190 -15.09 -14.73 -10.55
C ALA A 190 -13.91 -15.67 -10.34
N ASP A 191 -12.78 -15.34 -10.93
CA ASP A 191 -11.57 -16.03 -10.62
C ASP A 191 -10.72 -15.17 -9.74
N MET A 192 -10.89 -13.87 -9.92
CA MET A 192 -10.21 -12.88 -9.14
C MET A 192 -11.20 -11.74 -8.91
N LEU A 193 -11.19 -11.17 -7.72
CA LEU A 193 -12.18 -10.13 -7.39
C LEU A 193 -11.51 -9.07 -6.52
N THR A 194 -11.59 -7.83 -6.95
CA THR A 194 -11.06 -6.71 -6.18
C THR A 194 -12.10 -6.15 -5.18
N ILE A 195 -11.65 -6.02 -3.92
CA ILE A 195 -12.44 -5.47 -2.80
C ILE A 195 -11.73 -4.23 -2.20
N SER A 196 -12.48 -3.25 -1.76
CA SER A 196 -11.89 -2.07 -1.20
C SER A 196 -12.48 -1.77 0.19
N SER A 197 -11.60 -1.60 1.17
CA SER A 197 -11.96 -1.37 2.58
C SER A 197 -12.77 -0.10 2.83
N ASN A 198 -12.28 1.02 2.33
CA ASN A 198 -12.93 2.30 2.58
C ASN A 198 -14.28 2.50 1.89
N ASP A 199 -14.51 1.72 0.85
CA ASP A 199 -15.84 1.70 0.19
C ASP A 199 -16.92 1.03 1.04
N ILE A 200 -16.52 0.16 1.97
CA ILE A 200 -17.47 -0.34 2.97
C ILE A 200 -17.29 0.33 4.37
N TYR A 201 -16.76 1.57 4.40
CA TYR A 201 -16.61 2.40 5.62
C TYR A 201 -15.50 1.91 6.55
N GLY A 202 -14.55 1.19 5.95
CA GLY A 202 -13.35 0.72 6.63
C GLY A 202 -12.28 1.76 6.51
N PRO A 203 -11.08 1.48 7.04
CA PRO A 203 -10.09 2.52 6.90
C PRO A 203 -9.55 2.54 5.48
N LYS A 204 -9.03 3.70 5.11
CA LYS A 204 -8.33 3.88 3.85
C LYS A 204 -6.99 3.20 3.98
N GLY A 205 -6.34 2.93 2.84
CA GLY A 205 -4.98 2.37 2.84
C GLY A 205 -4.88 0.87 3.02
N VAL A 206 -5.97 0.15 2.75
CA VAL A 206 -5.97 -1.32 2.76
C VAL A 206 -7.00 -1.86 1.73
N GLY A 207 -6.83 -3.07 1.26
CA GLY A 207 -7.78 -3.59 0.29
C GLY A 207 -7.55 -5.07 0.20
N ALA A 208 -8.24 -5.70 -0.73
CA ALA A 208 -8.11 -7.13 -0.96
C ALA A 208 -8.32 -7.49 -2.42
N LEU A 209 -7.50 -8.44 -2.88
CA LEU A 209 -7.82 -9.20 -4.05
C LEU A 209 -8.18 -10.61 -3.56
N TRP A 210 -9.35 -11.06 -4.01
CA TRP A 210 -9.76 -12.45 -3.79
C TRP A 210 -9.37 -13.33 -5.02
N ILE A 211 -8.78 -14.48 -4.76
CA ILE A 211 -8.25 -15.37 -5.82
C ILE A 211 -8.72 -16.79 -5.65
N ARG A 212 -9.56 -17.25 -6.58
CA ARG A 212 -10.07 -18.64 -6.61
C ARG A 212 -8.95 -19.64 -6.56
N LYS A 213 -9.22 -20.77 -5.93
CA LYS A 213 -8.22 -21.85 -5.81
C LYS A 213 -7.78 -22.30 -7.20
N GLU A 214 -6.48 -22.46 -7.43
CA GLU A 214 -5.92 -22.90 -8.75
C GLU A 214 -5.53 -21.75 -9.72
N ALA A 215 -6.02 -20.54 -9.45
CA ALA A 215 -5.49 -19.41 -10.16
C ALA A 215 -4.10 -19.16 -9.61
N LYS A 216 -3.12 -19.04 -10.51
CA LYS A 216 -1.74 -18.69 -10.15
C LYS A 216 -1.40 -17.25 -10.63
N LEU A 217 -0.64 -16.53 -9.82
CA LEU A 217 -0.24 -15.13 -10.13
C LEU A 217 1.23 -15.03 -9.80
N GLN A 218 1.94 -14.07 -10.37
CA GLN A 218 3.23 -13.73 -9.82
C GLN A 218 3.02 -12.44 -9.00
N PRO A 219 3.81 -12.22 -7.94
CA PRO A 219 3.66 -11.01 -7.17
C PRO A 219 4.22 -9.73 -7.83
N VAL A 220 3.63 -8.58 -7.49
CA VAL A 220 4.16 -7.29 -7.93
C VAL A 220 4.99 -6.61 -6.86
N ILE A 221 4.62 -6.72 -5.59
CA ILE A 221 5.46 -6.19 -4.50
C ILE A 221 6.31 -7.29 -3.87
N LEU A 222 7.63 -7.13 -3.97
CA LEU A 222 8.63 -8.16 -3.66
C LEU A 222 9.43 -7.85 -2.41
N GLY A 223 9.70 -8.87 -1.60
CA GLY A 223 10.36 -8.67 -0.31
C GLY A 223 10.38 -9.95 0.48
N GLY A 224 9.88 -9.89 1.72
CA GLY A 224 9.92 -11.05 2.63
C GLY A 224 8.86 -12.16 2.53
N GLY A 225 8.16 -12.29 1.41
CA GLY A 225 7.24 -13.41 1.26
C GLY A 225 5.95 -13.50 2.11
N GLN A 226 5.59 -12.42 2.81
CA GLN A 226 4.26 -12.31 3.41
C GLN A 226 3.18 -12.54 2.37
N GLU A 227 1.97 -12.88 2.85
CA GLU A 227 0.81 -13.26 2.05
C GLU A 227 1.14 -14.43 1.13
N ASN A 228 1.91 -15.37 1.66
CA ASN A 228 2.41 -16.53 0.92
C ASN A 228 3.25 -16.20 -0.28
N GLY A 229 3.89 -15.04 -0.26
CA GLY A 229 4.76 -14.67 -1.34
C GLY A 229 4.14 -13.71 -2.33
N LEU A 230 2.81 -13.71 -2.41
CA LEU A 230 2.09 -12.83 -3.34
C LEU A 230 2.15 -11.34 -3.03
N ARG A 231 2.36 -10.94 -1.78
CA ARG A 231 2.44 -9.51 -1.47
C ARG A 231 3.23 -9.25 -0.20
N SER A 232 4.54 -8.99 -0.37
CA SER A 232 5.49 -8.70 0.73
C SER A 232 5.27 -7.40 1.53
N GLY A 233 5.80 -7.38 2.77
CA GLY A 233 5.61 -6.24 3.70
C GLY A 233 4.96 -6.60 5.05
N SER A 234 5.62 -6.27 6.15
CA SER A 234 5.02 -6.41 7.47
C SER A 234 3.55 -6.01 7.40
N GLU A 235 2.69 -6.78 8.06
CA GLU A 235 1.27 -6.62 7.85
C GLU A 235 0.71 -5.46 8.65
N ASN A 236 -0.17 -4.70 8.02
CA ASN A 236 -0.80 -3.56 8.62
C ASN A 236 -1.98 -4.11 9.40
N VAL A 237 -1.65 -4.75 10.52
CA VAL A 237 -2.62 -5.42 11.33
C VAL A 237 -3.83 -4.56 11.68
N PRO A 238 -3.64 -3.29 12.10
CA PRO A 238 -4.86 -2.54 12.48
C PRO A 238 -5.82 -2.29 11.34
N SER A 239 -5.30 -2.12 10.11
CA SER A 239 -6.19 -1.75 9.00
C SER A 239 -6.97 -2.96 8.60
N ILE A 240 -6.27 -4.10 8.68
CA ILE A 240 -6.79 -5.40 8.32
C ILE A 240 -7.96 -5.72 9.27
N VAL A 241 -7.71 -5.64 10.57
CA VAL A 241 -8.78 -5.78 11.56
C VAL A 241 -9.98 -4.82 11.30
N GLY A 242 -9.69 -3.58 10.88
CA GLY A 242 -10.78 -2.64 10.65
C GLY A 242 -11.54 -3.01 9.40
N PHE A 243 -10.77 -3.44 8.39
CA PHE A 243 -11.34 -3.99 7.15
C PHE A 243 -12.32 -5.09 7.57
N GLY A 244 -11.85 -5.90 8.51
CA GLY A 244 -12.62 -7.06 8.97
C GLY A 244 -13.91 -6.70 9.67
N LYS A 245 -13.85 -5.70 10.54
CA LYS A 245 -15.03 -5.19 11.24
C LYS A 245 -16.06 -4.59 10.27
N ALA A 246 -15.55 -3.81 9.32
CA ALA A 246 -16.39 -3.28 8.26
C ALA A 246 -17.06 -4.38 7.43
N ALA A 247 -16.29 -5.38 7.00
CA ALA A 247 -16.91 -6.52 6.29
C ALA A 247 -18.03 -7.13 7.14
N GLU A 248 -17.77 -7.33 8.42
CA GLU A 248 -18.78 -7.92 9.29
C GLU A 248 -20.01 -7.03 9.32
N ILE A 249 -19.80 -5.74 9.52
CA ILE A 249 -20.91 -4.83 9.54
C ILE A 249 -21.68 -4.86 8.23
N THR A 250 -20.96 -4.84 7.10
CA THR A 250 -21.61 -4.76 5.77
C THR A 250 -22.51 -6.00 5.54
N ALA A 251 -22.00 -7.18 5.88
CA ALA A 251 -22.77 -8.40 5.74
C ALA A 251 -24.09 -8.41 6.49
N MET A 252 -24.12 -7.81 7.67
CA MET A 252 -25.33 -7.85 8.44
C MET A 252 -26.26 -6.69 8.14
N GLU A 253 -25.74 -5.57 7.62
CA GLU A 253 -26.50 -4.30 7.50
C GLU A 253 -26.87 -3.84 6.08
N TRP A 254 -26.26 -4.47 5.08
CA TRP A 254 -26.25 -3.93 3.74
C TRP A 254 -27.62 -3.82 3.07
N ARG A 255 -28.45 -4.86 3.11
CA ARG A 255 -29.77 -4.79 2.47
C ARG A 255 -30.62 -3.58 2.97
N GLU A 256 -30.67 -3.35 4.29
CA GLU A 256 -31.35 -2.17 4.81
C GLU A 256 -30.71 -0.85 4.32
N GLU A 257 -29.41 -0.72 4.54
CA GLU A 257 -28.67 0.40 4.02
C GLU A 257 -29.02 0.68 2.54
N ALA A 258 -29.04 -0.34 1.69
CA ALA A 258 -29.28 -0.14 0.26
C ALA A 258 -30.67 0.30 -0.13
N GLU A 259 -31.73 -0.28 0.43
CA GLU A 259 -33.11 0.24 0.23
C GLU A 259 -33.27 1.70 0.64
N ARG A 260 -32.58 2.13 1.67
CA ARG A 260 -32.65 3.51 2.10
C ARG A 260 -31.98 4.45 1.07
N LEU A 261 -30.85 4.01 0.48
CA LEU A 261 -30.10 4.80 -0.53
C LEU A 261 -30.83 4.86 -1.87
N ARG A 262 -31.43 3.73 -2.25
CA ARG A 262 -32.27 3.67 -3.43
C ARG A 262 -33.43 4.67 -3.36
N ARG A 263 -34.07 4.80 -2.20
CA ARG A 263 -35.17 5.76 -2.11
C ARG A 263 -34.65 7.18 -2.19
N LEU A 264 -33.60 7.51 -1.43
CA LEU A 264 -32.99 8.84 -1.53
C LEU A 264 -32.55 9.17 -2.95
N ARG A 265 -31.97 8.18 -3.64
CA ARG A 265 -31.52 8.37 -5.00
C ARG A 265 -32.69 8.69 -5.91
N ASP A 266 -33.81 7.98 -5.72
CA ASP A 266 -34.94 8.13 -6.63
C ASP A 266 -35.56 9.49 -6.43
N ARG A 267 -35.69 9.87 -5.17
CA ARG A 267 -36.17 11.16 -4.81
C ARG A 267 -35.33 12.26 -5.44
N ILE A 268 -34.00 12.14 -5.39
CA ILE A 268 -33.10 13.08 -6.10
C ILE A 268 -33.37 13.07 -7.61
N ILE A 269 -33.41 11.90 -8.24
CA ILE A 269 -33.56 11.85 -9.69
C ILE A 269 -34.85 12.49 -10.19
N ASP A 270 -35.98 12.20 -9.55
CA ASP A 270 -37.28 12.65 -10.04
C ASP A 270 -37.44 14.16 -9.92
N ASN A 271 -36.77 14.75 -8.93
CA ASN A 271 -36.74 16.20 -8.83
C ASN A 271 -35.63 16.86 -9.67
N VAL A 272 -34.46 16.24 -9.75
CA VAL A 272 -33.37 16.84 -10.51
C VAL A 272 -33.68 16.88 -12.03
N LEU A 273 -34.43 15.90 -12.52
CA LEU A 273 -34.78 15.90 -13.94
C LEU A 273 -35.90 16.87 -14.31
N LYS A 274 -36.32 17.67 -13.34
CA LYS A 274 -37.35 18.68 -13.60
C LYS A 274 -36.76 20.00 -14.03
N ILE A 275 -35.45 20.14 -13.92
CA ILE A 275 -34.73 21.27 -14.49
C ILE A 275 -34.74 21.15 -16.01
N GLU A 276 -35.10 22.22 -16.70
CA GLU A 276 -34.94 22.25 -18.15
C GLU A 276 -33.50 21.82 -18.52
N GLU A 277 -33.40 20.92 -19.50
CA GLU A 277 -32.13 20.51 -20.08
C GLU A 277 -31.25 19.68 -19.14
N SER A 278 -31.85 18.73 -18.44
CA SER A 278 -31.08 17.83 -17.66
C SER A 278 -31.23 16.42 -18.23
N TYR A 279 -30.16 15.64 -18.24
CA TYR A 279 -30.21 14.28 -18.76
C TYR A 279 -29.48 13.45 -17.75
N LEU A 280 -29.95 12.22 -17.61
CA LEU A 280 -29.31 11.17 -16.81
C LEU A 280 -28.30 10.35 -17.65
N ASN A 281 -27.09 10.20 -17.14
CA ASN A 281 -26.11 9.28 -17.74
C ASN A 281 -26.03 7.99 -16.94
N GLY A 282 -25.70 6.90 -17.62
CA GLY A 282 -25.71 5.57 -17.01
C GLY A 282 -27.11 4.98 -17.13
N HIS A 283 -27.26 3.71 -16.80
CA HIS A 283 -28.53 3.02 -16.99
C HIS A 283 -29.59 3.51 -15.99
N PRO A 284 -30.85 3.65 -16.41
CA PRO A 284 -31.79 4.21 -15.43
C PRO A 284 -32.24 3.19 -14.37
N GLU A 285 -32.20 1.91 -14.70
CA GLU A 285 -32.77 0.88 -13.86
C GLU A 285 -31.65 0.03 -13.31
N LYS A 286 -30.81 -0.58 -14.19
CA LYS A 286 -29.65 -1.40 -13.75
C LYS A 286 -28.52 -0.50 -13.19
N ARG A 287 -28.78 0.08 -12.02
CA ARG A 287 -28.02 1.21 -11.51
C ARG A 287 -27.79 1.08 -10.00
N LEU A 288 -26.56 1.32 -9.55
CA LEU A 288 -26.26 1.25 -8.13
C LEU A 288 -27.18 2.16 -7.33
N PRO A 289 -27.66 1.67 -6.17
CA PRO A 289 -28.55 2.41 -5.25
C PRO A 289 -28.01 3.76 -4.82
N ASN A 290 -26.70 3.98 -4.91
CA ASN A 290 -26.03 5.19 -4.41
C ASN A 290 -25.62 6.25 -5.44
N ASN A 291 -26.04 6.08 -6.68
CA ASN A 291 -25.43 6.83 -7.78
C ASN A 291 -26.44 7.69 -8.54
N VAL A 292 -26.20 9.01 -8.55
CA VAL A 292 -26.86 9.95 -9.43
C VAL A 292 -25.80 10.72 -10.22
N ASN A 293 -25.91 10.64 -11.54
CA ASN A 293 -25.03 11.29 -12.45
C ASN A 293 -25.88 12.00 -13.50
N VAL A 294 -25.81 13.32 -13.51
CA VAL A 294 -26.66 14.08 -14.42
C VAL A 294 -25.78 15.06 -15.22
N ARG A 295 -26.30 15.53 -16.34
CA ARG A 295 -25.72 16.72 -16.98
C ARG A 295 -26.76 17.77 -17.23
N PHE A 296 -26.30 19.01 -17.26
CA PHE A 296 -27.09 20.21 -17.50
C PHE A 296 -26.42 20.93 -18.64
N SER A 297 -27.18 21.23 -19.70
CA SER A 297 -26.62 21.93 -20.85
C SER A 297 -26.25 23.36 -20.47
N TYR A 298 -25.35 23.93 -21.28
CA TYR A 298 -24.94 25.35 -21.24
C TYR A 298 -24.02 25.77 -20.12
N ILE A 299 -23.79 24.89 -19.15
CA ILE A 299 -22.85 25.26 -18.09
C ILE A 299 -21.72 24.22 -17.85
N GLU A 300 -20.73 24.65 -17.07
CA GLU A 300 -19.55 23.86 -16.82
C GLU A 300 -19.54 23.22 -15.41
N GLY A 301 -19.14 21.93 -15.38
CA GLY A 301 -19.08 21.06 -14.19
C GLY A 301 -18.35 21.49 -12.93
N GLU A 302 -17.10 21.90 -13.05
CA GLU A 302 -16.38 22.46 -11.89
C GLU A 302 -17.17 23.64 -11.22
N SER A 303 -17.81 24.48 -12.01
CA SER A 303 -18.60 25.62 -11.50
C SER A 303 -19.89 25.22 -10.78
N ILE A 304 -20.57 24.18 -11.25
CA ILE A 304 -21.69 23.61 -10.49
C ILE A 304 -21.18 23.09 -9.16
N VAL A 305 -20.07 22.36 -9.18
CA VAL A 305 -19.58 21.68 -7.98
C VAL A 305 -19.13 22.65 -6.90
N LEU A 306 -18.58 23.78 -7.32
CA LEU A 306 -18.09 24.78 -6.36
C LEU A 306 -19.16 25.73 -5.86
N SER A 307 -20.24 25.89 -6.63
CA SER A 307 -21.39 26.69 -6.20
C SER A 307 -22.05 25.92 -5.06
N LEU A 308 -22.26 24.61 -5.30
CA LEU A 308 -22.81 23.72 -4.28
C LEU A 308 -21.96 23.74 -3.01
N ASP A 309 -20.62 23.82 -3.18
CA ASP A 309 -19.73 23.80 -2.04
C ASP A 309 -19.78 25.08 -1.20
N MET A 310 -20.01 26.23 -1.83
CA MET A 310 -20.33 27.48 -1.06
C MET A 310 -21.64 27.41 -0.28
N ALA A 311 -22.63 26.67 -0.77
CA ALA A 311 -23.86 26.38 -0.04
C ALA A 311 -23.68 25.31 1.06
N GLY A 312 -22.60 24.54 0.99
CA GLY A 312 -22.39 23.44 1.93
C GLY A 312 -22.66 22.04 1.38
N ILE A 313 -22.42 21.84 0.10
CA ILE A 313 -22.77 20.59 -0.52
C ILE A 313 -21.60 20.07 -1.34
N GLN A 314 -21.08 18.90 -0.99
CA GLN A 314 -19.93 18.29 -1.69
C GLN A 314 -20.38 17.34 -2.79
N ALA A 315 -19.86 17.57 -4.00
CA ALA A 315 -20.17 16.72 -5.14
C ALA A 315 -18.97 16.65 -6.09
N SER A 316 -19.21 16.26 -7.33
CA SER A 316 -18.18 15.75 -8.21
C SER A 316 -18.67 15.97 -9.65
N THR A 317 -17.73 15.98 -10.58
CA THR A 317 -18.00 16.26 -11.98
C THR A 317 -17.05 15.43 -12.88
N GLY A 318 -17.41 15.25 -14.14
CA GLY A 318 -16.55 14.57 -15.07
C GLY A 318 -15.94 15.51 -16.07
N SER A 319 -16.06 16.81 -15.81
CA SER A 319 -15.69 17.88 -16.72
C SER A 319 -14.17 17.92 -16.93
N ALA A 320 -13.74 18.16 -18.18
CA ALA A 320 -12.30 18.31 -18.49
C ALA A 320 -11.67 19.38 -17.62
N CYS A 321 -12.40 20.50 -17.45
CA CYS A 321 -12.04 21.61 -16.54
C CYS A 321 -11.65 21.26 -15.09
N SER A 322 -12.14 20.13 -14.59
CA SER A 322 -11.82 19.65 -13.27
C SER A 322 -10.53 18.80 -13.18
N SER A 323 -10.03 18.31 -14.32
CA SER A 323 -9.04 17.21 -14.29
C SER A 323 -7.65 17.58 -13.77
N LYS A 324 -6.99 18.56 -14.38
CA LYS A 324 -5.51 18.76 -14.17
C LYS A 324 -4.64 18.25 -15.33
N THR A 325 -5.10 17.21 -16.03
CA THR A 325 -4.56 16.96 -17.36
C THR A 325 -5.46 17.56 -18.44
N LEU A 326 -6.59 18.15 -18.01
CA LEU A 326 -7.62 18.72 -18.88
C LEU A 326 -8.18 17.70 -19.86
N GLN A 327 -8.51 16.52 -19.34
CA GLN A 327 -9.13 15.50 -20.18
C GLN A 327 -10.44 15.10 -19.55
N PRO A 328 -11.53 15.06 -20.30
CA PRO A 328 -12.73 14.60 -19.62
C PRO A 328 -12.62 13.14 -19.27
N SER A 329 -13.66 12.64 -18.61
CA SER A 329 -13.73 11.28 -18.13
C SER A 329 -13.74 10.27 -19.30
N HIS A 330 -12.88 9.26 -19.23
CA HIS A 330 -12.87 8.25 -20.29
C HIS A 330 -14.16 7.40 -20.20
N VAL A 331 -14.73 7.31 -19.01
CA VAL A 331 -15.97 6.59 -18.91
C VAL A 331 -17.02 7.29 -19.77
N LEU A 332 -17.09 8.62 -19.69
CA LEU A 332 -18.11 9.38 -20.41
C LEU A 332 -17.95 9.35 -21.92
N MET A 333 -16.72 9.53 -22.40
CA MET A 333 -16.37 9.37 -23.81
C MET A 333 -16.66 7.96 -24.37
N ALA A 334 -16.39 6.93 -23.58
CA ALA A 334 -16.71 5.56 -23.98
C ALA A 334 -18.19 5.41 -24.29
N CYS A 335 -19.06 6.09 -23.55
CA CYS A 335 -20.51 5.94 -23.78
C CYS A 335 -20.99 6.68 -25.04
N GLY A 336 -20.10 7.44 -25.66
CA GLY A 336 -20.42 8.26 -26.81
C GLY A 336 -20.93 9.66 -26.52
N LEU A 337 -20.76 10.14 -25.29
CA LEU A 337 -21.00 11.54 -25.04
C LEU A 337 -19.91 12.34 -25.77
N LYS A 338 -20.28 13.50 -26.29
CA LYS A 338 -19.31 14.41 -26.91
C LYS A 338 -18.63 15.22 -25.80
N HIS A 339 -17.48 15.85 -26.10
CA HIS A 339 -16.79 16.69 -25.10
C HIS A 339 -17.66 17.85 -24.60
N GLU A 340 -18.42 18.49 -25.49
CA GLU A 340 -19.41 19.49 -25.10
C GLU A 340 -20.31 19.09 -23.89
N GLU A 341 -20.83 17.87 -23.93
CA GLU A 341 -21.87 17.46 -22.99
C GLU A 341 -21.36 16.87 -21.65
N ALA A 342 -20.12 16.40 -21.63
CA ALA A 342 -19.47 15.93 -20.41
C ALA A 342 -19.07 17.12 -19.57
N HIS A 343 -19.13 18.31 -20.14
CA HIS A 343 -18.80 19.51 -19.41
C HIS A 343 -19.76 19.77 -18.26
N GLY A 344 -21.05 19.56 -18.49
CA GLY A 344 -22.08 19.88 -17.51
C GLY A 344 -22.54 18.74 -16.63
N THR A 345 -21.63 17.82 -16.32
CA THR A 345 -21.98 16.64 -15.54
C THR A 345 -21.84 16.90 -14.06
N LEU A 346 -22.77 16.34 -13.32
CA LEU A 346 -22.76 16.41 -11.88
C LEU A 346 -23.03 14.99 -11.33
N LEU A 347 -22.11 14.52 -10.50
CA LEU A 347 -22.18 13.22 -9.86
C LEU A 347 -22.40 13.37 -8.36
N LEU A 348 -23.60 12.96 -7.92
CA LEU A 348 -23.85 12.75 -6.50
C LEU A 348 -23.78 11.26 -6.10
N THR A 349 -22.88 10.89 -5.22
CA THR A 349 -22.93 9.56 -4.69
C THR A 349 -23.31 9.55 -3.20
N LEU A 350 -24.28 8.70 -2.86
CA LEU A 350 -24.88 8.68 -1.54
C LEU A 350 -24.19 7.67 -0.66
N GLY A 351 -24.42 7.76 0.63
CA GLY A 351 -23.82 6.87 1.60
C GLY A 351 -24.50 6.93 2.96
N ARG A 352 -23.95 6.12 3.88
CA ARG A 352 -24.51 5.75 5.18
C ARG A 352 -25.09 6.88 6.06
N TYR A 353 -24.57 8.10 5.94
CA TYR A 353 -24.94 9.15 6.87
C TYR A 353 -25.83 10.23 6.22
N ASN A 354 -26.37 9.95 5.04
CA ASN A 354 -27.27 10.88 4.38
C ASN A 354 -28.63 10.76 4.99
N THR A 355 -29.28 11.92 5.09
CA THR A 355 -30.60 12.06 5.68
C THR A 355 -31.50 12.69 4.66
N ASP A 356 -32.79 12.63 4.93
CA ASP A 356 -33.75 13.29 4.08
C ASP A 356 -33.54 14.81 4.13
N GLU A 357 -32.99 15.31 5.22
CA GLU A 357 -32.64 16.75 5.37
C GLU A 357 -31.62 17.21 4.33
N ASP A 358 -30.65 16.33 4.03
CA ASP A 358 -29.60 16.62 3.04
C ASP A 358 -30.18 16.77 1.63
N VAL A 359 -31.05 15.84 1.26
CA VAL A 359 -31.77 15.91 0.01
C VAL A 359 -32.60 17.22 -0.12
N ASP A 360 -33.32 17.58 0.94
CA ASP A 360 -34.07 18.86 0.99
C ASP A 360 -33.15 20.00 0.58
N ARG A 361 -32.01 20.03 1.24
CA ARG A 361 -31.01 21.03 1.01
C ARG A 361 -30.55 20.99 -0.47
N LEU A 362 -30.18 19.82 -0.97
CA LEU A 362 -29.72 19.76 -2.35
C LEU A 362 -30.83 20.24 -3.28
N LEU A 363 -32.06 19.83 -3.02
CA LEU A 363 -33.21 20.21 -3.86
C LEU A 363 -33.59 21.70 -3.80
N GLU A 364 -33.25 22.38 -2.70
CA GLU A 364 -33.54 23.81 -2.61
CA GLU A 364 -33.49 23.83 -2.50
C GLU A 364 -32.39 24.68 -3.16
N VAL A 365 -31.16 24.19 -3.11
CA VAL A 365 -30.02 24.94 -3.63
C VAL A 365 -29.80 24.73 -5.15
N LEU A 366 -29.98 23.52 -5.64
CA LEU A 366 -29.57 23.25 -7.01
C LEU A 366 -30.25 24.09 -8.11
N PRO A 367 -31.60 24.10 -8.18
CA PRO A 367 -32.21 24.88 -9.29
C PRO A 367 -31.66 26.31 -9.42
N GLY A 368 -31.31 26.93 -8.31
CA GLY A 368 -30.81 28.30 -8.34
C GLY A 368 -29.39 28.42 -8.83
N VAL A 369 -28.57 27.43 -8.49
CA VAL A 369 -27.21 27.32 -9.02
C VAL A 369 -27.25 27.18 -10.54
N ILE A 370 -28.11 26.29 -11.03
CA ILE A 370 -28.20 26.06 -12.45
C ILE A 370 -28.58 27.40 -13.08
N GLU A 371 -29.70 27.99 -12.59
CA GLU A 371 -30.19 29.28 -13.15
C GLU A 371 -29.12 30.40 -13.09
N ARG A 372 -28.39 30.48 -11.99
CA ARG A 372 -27.37 31.51 -11.88
C ARG A 372 -26.29 31.37 -12.94
N LEU A 373 -25.71 30.18 -13.05
CA LEU A 373 -24.69 29.89 -14.02
C LEU A 373 -25.24 30.04 -15.42
N ARG A 374 -26.45 29.57 -15.64
CA ARG A 374 -27.01 29.73 -16.96
C ARG A 374 -27.14 31.18 -17.40
N SER A 375 -27.47 32.09 -16.48
CA SER A 375 -27.68 33.48 -16.84
C SER A 375 -26.34 34.08 -17.27
N MET A 376 -25.23 33.58 -16.73
CA MET A 376 -23.94 34.02 -17.26
C MET A 376 -23.34 33.29 -18.48
N SER A 377 -24.05 32.34 -19.08
CA SER A 377 -23.43 31.53 -20.12
C SER A 377 -23.69 32.10 -21.51
N PRO A 378 -22.61 32.29 -22.31
CA PRO A 378 -22.82 32.74 -23.67
C PRO A 378 -23.68 31.72 -24.38
N LEU A 379 -23.64 30.47 -23.92
CA LEU A 379 -24.33 29.37 -24.58
C LEU A 379 -25.83 29.37 -24.35
N TYR A 380 -26.30 30.05 -23.30
CA TYR A 380 -27.72 29.99 -22.96
C TYR A 380 -28.54 31.14 -23.53
N ALA B 2 8.09 -6.17 28.76
CA ALA B 2 9.50 -6.51 28.38
C ALA B 2 9.53 -6.85 26.92
N TYR B 3 9.05 -5.91 26.14
CA TYR B 3 9.02 -6.07 24.72
C TYR B 3 10.35 -5.61 24.20
N PHE B 4 11.14 -6.56 23.70
CA PHE B 4 12.41 -6.20 23.09
C PHE B 4 12.41 -6.53 21.61
N ASP B 5 11.28 -6.37 20.95
CA ASP B 5 11.15 -6.70 19.52
C ASP B 5 10.76 -5.50 18.65
N TYR B 6 11.38 -4.35 18.87
CA TYR B 6 10.93 -3.11 18.24
C TYR B 6 11.14 -3.07 16.73
N THR B 7 12.14 -3.79 16.24
CA THR B 7 12.36 -3.82 14.80
C THR B 7 11.30 -4.61 14.05
N SER B 8 10.56 -5.47 14.74
CA SER B 8 9.47 -6.16 14.08
C SER B 8 8.19 -5.35 13.99
N ALA B 9 8.01 -4.43 14.92
CA ALA B 9 6.76 -3.71 15.06
C ALA B 9 6.96 -2.74 16.18
N LYS B 10 6.26 -1.61 16.10
CA LYS B 10 6.31 -0.60 17.14
C LYS B 10 4.89 -0.09 17.38
N PRO B 11 4.56 0.26 18.62
CA PRO B 11 3.31 0.96 18.87
C PRO B 11 3.33 2.33 18.18
N VAL B 12 2.15 2.83 17.89
CA VAL B 12 1.98 4.23 17.47
C VAL B 12 1.91 5.09 18.73
N ASP B 13 2.66 6.19 18.72
CA ASP B 13 2.66 7.15 19.82
C ASP B 13 1.28 7.81 20.02
N GLU B 14 0.79 7.84 21.27
CA GLU B 14 -0.52 8.47 21.61
C GLU B 14 -0.82 9.80 20.88
N ARG B 15 0.20 10.65 20.78
CA ARG B 15 0.09 11.97 20.14
C ARG B 15 -0.07 11.95 18.64
N ILE B 16 0.57 10.98 17.98
CA ILE B 16 0.35 10.69 16.57
C ILE B 16 -1.12 10.27 16.39
N LEU B 17 -1.58 9.42 17.29
CA LEU B 17 -2.92 8.90 17.16
C LEU B 17 -3.92 10.02 17.29
N GLU B 18 -3.70 10.93 18.25
CA GLU B 18 -4.63 12.05 18.46
C GLU B 18 -4.73 12.92 17.22
N ALA B 19 -3.65 13.00 16.44
CA ALA B 19 -3.61 13.79 15.24
C ALA B 19 -4.29 13.13 14.01
N MET B 20 -4.35 11.80 13.99
CA MET B 20 -4.97 11.07 12.89
C MET B 20 -6.49 11.05 12.91
N LEU B 21 -7.06 10.90 14.09
CA LEU B 21 -8.50 10.65 14.20
C LEU B 21 -9.44 11.62 13.47
N PRO B 22 -9.15 12.93 13.49
CA PRO B 22 -10.15 13.81 12.86
C PRO B 22 -10.30 13.59 11.37
N TYR B 23 -9.24 13.03 10.77
CA TYR B 23 -9.19 12.68 9.35
C TYR B 23 -9.87 11.35 9.00
N MET B 24 -9.87 10.44 9.95
CA MET B 24 -10.69 9.24 9.83
C MET B 24 -12.21 9.46 9.89
N THR B 25 -12.65 10.45 10.68
CA THR B 25 -14.07 10.58 11.07
C THR B 25 -14.74 11.92 10.76
N GLU B 26 -14.00 13.04 10.85
CA GLU B 26 -14.53 14.35 10.44
C GLU B 26 -13.94 14.89 9.10
N SER B 27 -12.62 14.85 8.93
CA SER B 27 -12.04 15.35 7.68
C SER B 27 -11.56 14.24 6.75
N PHE B 28 -12.53 13.46 6.34
CA PHE B 28 -12.25 12.23 5.65
C PHE B 28 -12.17 12.40 4.12
N GLY B 29 -12.15 13.63 3.63
CA GLY B 29 -12.13 13.85 2.18
C GLY B 29 -10.90 13.39 1.40
N ASN B 30 -11.06 13.40 0.08
CA ASN B 30 -10.06 13.00 -0.89
C ASN B 30 -9.32 14.22 -1.49
N PRO B 31 -7.99 14.28 -1.30
CA PRO B 31 -7.25 15.44 -1.80
C PRO B 31 -7.52 15.81 -3.27
N SER B 32 -7.94 14.87 -4.11
CA SER B 32 -8.27 15.19 -5.52
C SER B 32 -9.58 15.98 -5.68
N SER B 33 -10.42 15.97 -4.64
CA SER B 33 -11.73 16.59 -4.76
C SER B 33 -11.66 18.10 -4.84
N VAL B 34 -12.52 18.68 -5.67
CA VAL B 34 -12.66 20.11 -5.79
C VAL B 34 -13.74 20.60 -4.84
N HIS B 35 -13.57 20.40 -3.55
CA HIS B 35 -14.42 21.07 -2.59
C HIS B 35 -13.63 21.20 -1.33
N SER B 36 -14.24 21.85 -0.33
CA SER B 36 -13.68 22.02 1.02
C SER B 36 -13.15 20.73 1.67
N TYR B 37 -13.88 19.63 1.60
CA TYR B 37 -13.33 18.36 2.13
C TYR B 37 -12.05 17.95 1.45
N GLY B 38 -11.98 18.07 0.13
CA GLY B 38 -10.75 17.84 -0.60
C GLY B 38 -9.65 18.85 -0.25
N PHE B 39 -10.01 20.14 -0.22
CA PHE B 39 -9.09 21.23 0.15
C PHE B 39 -8.46 21.05 1.51
N LYS B 40 -9.25 20.69 2.50
CA LYS B 40 -8.68 20.39 3.82
C LYS B 40 -7.69 19.19 3.74
N ALA B 41 -8.07 18.15 3.00
CA ALA B 41 -7.23 16.95 2.83
C ALA B 41 -5.93 17.30 2.14
N ARG B 42 -6.00 18.21 1.17
CA ARG B 42 -4.82 18.75 0.49
C ARG B 42 -3.79 19.44 1.41
N GLU B 43 -4.24 20.38 2.24
CA GLU B 43 -3.34 21.06 3.19
C GLU B 43 -2.74 20.04 4.17
N ALA B 44 -3.60 19.21 4.75
CA ALA B 44 -3.12 18.12 5.62
C ALA B 44 -1.99 17.29 5.00
N VAL B 45 -2.12 16.96 3.72
CA VAL B 45 -1.12 16.11 3.06
C VAL B 45 0.21 16.81 2.79
N GLN B 46 0.19 18.12 2.49
CA GLN B 46 1.45 18.83 2.15
C GLN B 46 2.25 19.24 3.37
N GLU B 47 1.54 19.69 4.41
CA GLU B 47 2.14 19.86 5.72
C GLU B 47 2.95 18.59 6.07
N ALA B 48 2.23 17.44 6.15
CA ALA B 48 2.82 16.09 6.30
C ALA B 48 4.04 15.89 5.41
N ARG B 49 3.93 16.33 4.16
CA ARG B 49 4.98 16.12 3.19
C ARG B 49 6.20 17.01 3.39
N GLU B 50 5.97 18.27 3.76
CA GLU B 50 7.08 19.15 4.11
C GLU B 50 7.77 18.62 5.37
N LYS B 51 6.98 18.05 6.26
CA LYS B 51 7.44 17.53 7.54
C LYS B 51 8.31 16.26 7.44
N VAL B 52 7.88 15.28 6.66
CA VAL B 52 8.73 14.14 6.37
C VAL B 52 10.01 14.60 5.67
N ALA B 53 9.88 15.49 4.70
CA ALA B 53 11.01 16.04 3.96
C ALA B 53 12.03 16.72 4.86
N LYS B 54 11.54 17.64 5.69
CA LYS B 54 12.40 18.33 6.61
C LYS B 54 13.17 17.32 7.45
N LEU B 55 12.51 16.22 7.83
CA LEU B 55 13.10 15.33 8.81
C LEU B 55 14.46 14.72 8.35
N VAL B 56 14.70 14.64 7.04
CA VAL B 56 15.93 14.05 6.50
C VAL B 56 16.76 15.08 5.72
N ASN B 57 16.54 16.35 6.03
CA ASN B 57 17.13 17.47 5.29
C ASN B 57 16.82 17.50 3.77
N GLY B 58 15.63 17.04 3.37
CA GLY B 58 15.28 16.87 1.98
C GLY B 58 14.69 18.00 1.14
N GLY B 59 14.90 19.26 1.57
CA GLY B 59 14.50 20.45 0.77
C GLY B 59 14.94 20.40 -0.70
N GLY B 60 16.11 19.82 -0.95
CA GLY B 60 16.59 19.58 -2.32
C GLY B 60 15.98 18.37 -3.03
N GLY B 61 14.76 17.96 -2.65
CA GLY B 61 14.08 16.84 -3.30
C GLY B 61 12.59 16.68 -3.07
N THR B 62 12.06 15.51 -3.45
CA THR B 62 10.65 15.20 -3.28
C THR B 62 10.42 13.90 -2.51
N VAL B 63 9.36 13.91 -1.72
CA VAL B 63 8.92 12.78 -0.94
C VAL B 63 7.81 12.11 -1.72
N VAL B 64 7.95 10.82 -1.97
CA VAL B 64 6.86 10.08 -2.56
C VAL B 64 6.29 9.11 -1.52
N PHE B 65 5.01 9.27 -1.17
CA PHE B 65 4.35 8.43 -0.19
C PHE B 65 3.98 7.06 -0.72
N THR B 66 4.37 6.03 0.04
CA THR B 66 4.10 4.64 -0.30
C THR B 66 3.38 3.94 0.86
N SER B 67 3.07 2.65 0.63
CA SER B 67 2.44 1.81 1.63
C SER B 67 3.43 1.22 2.61
N GLY B 68 4.71 1.56 2.50
CA GLY B 68 5.68 1.10 3.47
C GLY B 68 7.09 1.06 2.93
N ALA B 69 8.02 0.66 3.77
CA ALA B 69 9.40 0.67 3.36
C ALA B 69 9.62 -0.38 2.24
N THR B 70 8.94 -1.53 2.36
CA THR B 70 9.04 -2.54 1.33
C THR B 70 8.75 -1.92 -0.03
N GLU B 71 7.54 -1.42 -0.24
CA GLU B 71 7.15 -0.80 -1.51
C GLU B 71 8.15 0.29 -1.93
N ALA B 72 8.52 1.17 -1.01
CA ALA B 72 9.53 2.20 -1.34
C ALA B 72 10.84 1.62 -1.89
N ASN B 73 11.30 0.50 -1.35
CA ASN B 73 12.54 -0.11 -1.82
C ASN B 73 12.35 -0.67 -3.22
N ASN B 74 11.19 -1.28 -3.46
CA ASN B 74 10.80 -1.80 -4.75
C ASN B 74 10.78 -0.69 -5.82
N LEU B 75 10.37 0.50 -5.43
CA LEU B 75 10.27 1.61 -6.36
C LEU B 75 11.67 2.22 -6.72
N ALA B 76 12.58 2.22 -5.74
CA ALA B 76 13.93 2.73 -5.96
C ALA B 76 14.80 1.77 -6.80
N ILE B 77 14.61 0.45 -6.65
CA ILE B 77 15.42 -0.48 -7.41
C ILE B 77 14.89 -0.66 -8.82
N ILE B 78 13.59 -0.89 -8.94
CA ILE B 78 12.97 -1.21 -10.21
C ILE B 78 12.53 0.06 -10.94
N GLY B 79 11.90 0.97 -10.21
CA GLY B 79 11.53 2.24 -10.80
C GLY B 79 12.73 2.95 -11.37
N TYR B 80 13.87 2.89 -10.68
CA TYR B 80 15.03 3.61 -11.17
C TYR B 80 15.75 2.85 -12.26
N ALA B 81 16.05 1.57 -12.01
CA ALA B 81 16.72 0.73 -13.01
C ALA B 81 16.03 0.77 -14.35
N MET B 82 14.69 0.64 -14.35
CA MET B 82 13.89 0.53 -15.58
C MET B 82 13.84 1.86 -16.32
N ARG B 83 13.80 2.95 -15.58
CA ARG B 83 13.75 4.27 -16.22
C ARG B 83 15.09 4.68 -16.84
N ASN B 84 16.20 4.25 -16.24
CA ASN B 84 17.52 4.74 -16.60
C ASN B 84 18.38 3.72 -17.35
N ALA B 85 17.74 2.72 -17.93
CA ALA B 85 18.47 1.59 -18.54
C ALA B 85 19.37 1.96 -19.70
N ARG B 86 19.02 2.98 -20.46
CA ARG B 86 19.79 3.32 -21.68
C ARG B 86 21.22 3.72 -21.35
N LYS B 87 21.48 4.01 -20.07
CA LYS B 87 22.77 4.52 -19.64
C LYS B 87 23.65 3.35 -19.27
N GLY B 88 23.00 2.22 -18.99
CA GLY B 88 23.72 1.02 -18.58
C GLY B 88 22.80 0.07 -17.84
N LYS B 89 23.29 -1.16 -17.66
CA LYS B 89 22.46 -2.24 -17.10
C LYS B 89 23.17 -2.91 -15.92
N HIS B 90 23.93 -2.12 -15.19
CA HIS B 90 24.80 -2.69 -14.19
C HIS B 90 24.51 -2.11 -12.83
N ILE B 91 24.33 -2.98 -11.86
CA ILE B 91 23.90 -2.51 -10.56
C ILE B 91 24.65 -3.26 -9.47
N LEU B 92 25.07 -2.53 -8.45
CA LEU B 92 25.61 -3.15 -7.26
C LEU B 92 24.63 -3.04 -6.12
N VAL B 93 24.56 -4.11 -5.37
CA VAL B 93 23.65 -4.23 -4.24
C VAL B 93 24.45 -4.81 -3.07
N SER B 94 24.22 -4.30 -1.87
CA SER B 94 24.85 -4.91 -0.71
C SER B 94 24.23 -6.27 -0.43
N ALA B 95 25.05 -7.18 0.11
CA ALA B 95 24.60 -8.54 0.43
C ALA B 95 23.88 -8.65 1.80
N VAL B 96 23.81 -7.55 2.54
CA VAL B 96 23.06 -7.56 3.79
C VAL B 96 21.78 -6.71 3.73
N GLU B 97 21.42 -6.29 2.53
CA GLU B 97 20.20 -5.56 2.30
C GLU B 97 18.96 -6.36 2.70
N HIS B 98 17.97 -5.68 3.24
CA HIS B 98 16.66 -6.27 3.35
C HIS B 98 16.25 -6.94 2.03
N MET B 99 15.44 -8.00 2.14
CA MET B 99 14.91 -8.72 0.98
C MET B 99 14.02 -7.90 0.04
N SER B 100 13.43 -6.84 0.55
CA SER B 100 12.71 -5.90 -0.29
C SER B 100 13.62 -5.06 -1.20
N VAL B 101 14.93 -5.21 -1.05
CA VAL B 101 15.90 -4.72 -2.04
C VAL B 101 16.42 -5.89 -2.86
N ILE B 102 16.86 -6.93 -2.15
CA ILE B 102 17.45 -8.09 -2.80
C ILE B 102 16.53 -8.76 -3.78
N ASN B 103 15.30 -9.04 -3.36
CA ASN B 103 14.38 -9.70 -4.27
C ASN B 103 14.03 -8.93 -5.57
N PRO B 104 13.84 -7.58 -5.48
CA PRO B 104 13.70 -6.79 -6.74
C PRO B 104 14.97 -6.79 -7.57
N ALA B 105 16.13 -6.93 -6.92
CA ALA B 105 17.42 -6.99 -7.62
C ALA B 105 17.50 -8.27 -8.42
N LYS B 106 16.98 -9.35 -7.83
CA LYS B 106 17.03 -10.66 -8.46
C LYS B 106 16.13 -10.67 -9.68
N PHE B 107 14.97 -10.04 -9.54
CA PHE B 107 14.01 -9.86 -10.61
C PHE B 107 14.64 -9.17 -11.82
N LEU B 108 15.29 -8.05 -11.56
CA LEU B 108 16.11 -7.36 -12.56
C LEU B 108 17.08 -8.27 -13.37
N GLN B 109 17.73 -9.20 -12.68
CA GLN B 109 18.64 -10.18 -13.30
C GLN B 109 17.91 -11.01 -14.33
N LYS B 110 16.69 -11.38 -13.97
CA LYS B 110 15.88 -12.18 -14.82
C LYS B 110 15.56 -11.38 -16.04
N GLN B 111 15.53 -10.07 -15.93
CA GLN B 111 15.19 -9.24 -17.08
C GLN B 111 16.47 -8.76 -17.76
N GLY B 112 17.60 -9.34 -17.36
CA GLY B 112 18.84 -9.13 -18.08
C GLY B 112 19.77 -8.03 -17.63
N PHE B 113 19.49 -7.44 -16.47
CA PHE B 113 20.47 -6.57 -15.81
C PHE B 113 21.59 -7.41 -15.23
N GLU B 114 22.77 -6.81 -15.13
CA GLU B 114 23.89 -7.44 -14.49
C GLU B 114 23.98 -6.89 -13.08
N VAL B 115 23.74 -7.75 -12.10
CA VAL B 115 23.79 -7.36 -10.70
C VAL B 115 24.90 -8.13 -10.04
N GLU B 116 25.80 -7.42 -9.38
CA GLU B 116 26.80 -8.04 -8.52
C GLU B 116 26.47 -7.61 -7.10
N TYR B 117 26.71 -8.50 -6.14
CA TYR B 117 26.38 -8.25 -4.74
C TYR B 117 27.62 -7.87 -3.92
N ILE B 118 27.53 -6.86 -3.07
CA ILE B 118 28.72 -6.30 -2.47
C ILE B 118 29.04 -6.97 -1.16
N PRO B 119 30.15 -7.72 -1.09
CA PRO B 119 30.51 -8.50 0.10
C PRO B 119 30.73 -7.63 1.32
N VAL B 120 30.55 -8.19 2.50
CA VAL B 120 30.84 -7.50 3.72
C VAL B 120 31.95 -8.23 4.48
N GLY B 121 32.51 -7.61 5.52
CA GLY B 121 33.43 -8.30 6.44
C GLY B 121 32.74 -8.96 7.63
N LYS B 122 33.55 -9.40 8.61
CA LYS B 122 33.07 -10.19 9.77
C LYS B 122 31.88 -9.56 10.52
N TYR B 123 31.87 -8.25 10.65
CA TYR B 123 30.82 -7.57 11.43
C TYR B 123 29.76 -6.98 10.53
N GLY B 124 29.84 -7.33 9.25
CA GLY B 124 28.81 -6.95 8.29
C GLY B 124 28.95 -5.59 7.65
N GLU B 125 30.16 -5.05 7.69
CA GLU B 125 30.44 -3.77 7.06
C GLU B 125 30.74 -4.06 5.59
N VAL B 126 30.17 -3.25 4.71
CA VAL B 126 30.32 -3.48 3.28
C VAL B 126 31.77 -3.27 2.83
N ASP B 127 32.24 -4.04 1.86
CA ASP B 127 33.58 -3.81 1.37
C ASP B 127 33.66 -2.64 0.37
N VAL B 128 34.19 -1.51 0.82
CA VAL B 128 34.20 -0.27 0.03
C VAL B 128 35.14 -0.35 -1.15
N SER B 129 36.33 -0.93 -0.92
CA SER B 129 37.26 -1.22 -2.02
C SER B 129 36.59 -2.00 -3.14
N PHE B 130 35.78 -3.00 -2.79
CA PHE B 130 35.06 -3.82 -3.79
C PHE B 130 34.21 -2.93 -4.67
N ILE B 131 33.43 -2.04 -4.05
CA ILE B 131 32.61 -1.07 -4.78
C ILE B 131 33.46 -0.31 -5.79
N ASP B 132 34.51 0.32 -5.26
CA ASP B 132 35.52 1.07 -6.01
C ASP B 132 36.16 0.35 -7.22
N GLN B 133 36.57 -0.91 -7.03
CA GLN B 133 37.13 -1.75 -8.12
C GLN B 133 36.11 -2.14 -9.20
N LYS B 134 35.04 -2.79 -8.76
CA LYS B 134 34.04 -3.32 -9.69
C LYS B 134 32.99 -2.28 -10.14
N LEU B 135 33.25 -1.00 -9.86
CA LEU B 135 32.47 0.09 -10.44
C LEU B 135 32.81 0.27 -11.91
N ARG B 136 31.83 0.07 -12.79
CA ARG B 136 32.08 0.24 -14.21
C ARG B 136 31.46 1.52 -14.72
N ASP B 137 31.50 1.74 -16.02
CA ASP B 137 30.99 3.00 -16.57
C ASP B 137 29.53 2.85 -16.99
N ASP B 138 29.12 1.61 -17.27
CA ASP B 138 27.71 1.29 -17.44
C ASP B 138 26.99 1.01 -16.10
N THR B 139 27.57 1.42 -14.98
CA THR B 139 26.90 1.28 -13.70
C THR B 139 25.95 2.45 -13.49
N ILE B 140 24.67 2.15 -13.29
CA ILE B 140 23.63 3.20 -13.11
C ILE B 140 23.16 3.36 -11.66
N LEU B 141 23.29 2.30 -10.85
CA LEU B 141 22.67 2.26 -9.52
C LEU B 141 23.48 1.54 -8.47
N VAL B 142 23.62 2.16 -7.29
CA VAL B 142 24.09 1.43 -6.12
C VAL B 142 23.10 1.53 -4.95
N SER B 143 22.77 0.38 -4.38
CA SER B 143 21.91 0.28 -3.22
C SER B 143 22.68 -0.23 -1.99
N VAL B 144 22.87 0.63 -0.98
CA VAL B 144 23.50 0.21 0.27
C VAL B 144 22.75 0.73 1.49
N GLN B 145 22.30 -0.16 2.38
CA GLN B 145 21.55 0.26 3.56
C GLN B 145 22.33 1.24 4.42
N HIS B 146 21.64 2.07 5.20
CA HIS B 146 22.34 3.00 6.07
C HIS B 146 22.78 2.31 7.33
N ALA B 147 21.93 1.40 7.81
CA ALA B 147 22.23 0.52 8.93
C ALA B 147 21.46 -0.79 8.78
N ASN B 148 21.89 -1.81 9.52
CA ASN B 148 21.30 -3.13 9.46
C ASN B 148 20.48 -3.49 10.67
N ASN B 149 19.16 -3.55 10.48
CA ASN B 149 18.25 -4.01 11.51
C ASN B 149 18.58 -5.37 12.16
N GLU B 150 19.13 -6.32 11.42
CA GLU B 150 19.49 -7.61 12.03
C GLU B 150 20.69 -7.53 13.01
N ILE B 151 21.79 -6.87 12.61
CA ILE B 151 22.99 -6.81 13.45
C ILE B 151 23.44 -5.42 13.88
N GLY B 152 22.61 -4.41 13.62
CA GLY B 152 22.91 -3.04 14.08
C GLY B 152 23.99 -2.23 13.39
N THR B 153 24.81 -2.92 12.61
CA THR B 153 26.00 -2.34 12.04
C THR B 153 25.68 -1.16 11.15
N ILE B 154 26.35 -0.04 11.42
CA ILE B 154 26.20 1.16 10.60
C ILE B 154 27.17 1.15 9.44
N GLN B 155 26.68 1.42 8.25
CA GLN B 155 27.45 1.34 7.02
C GLN B 155 28.15 2.69 6.64
N PRO B 156 29.32 2.61 5.94
CA PRO B 156 30.16 3.75 5.56
C PRO B 156 29.64 4.49 4.30
N VAL B 157 28.45 5.07 4.41
CA VAL B 157 27.75 5.55 3.23
C VAL B 157 28.37 6.85 2.72
N GLU B 158 28.68 7.75 3.65
CA GLU B 158 29.25 9.06 3.33
C GLU B 158 30.54 8.89 2.55
N GLU B 159 31.23 7.79 2.79
CA GLU B 159 32.45 7.51 2.06
C GLU B 159 32.08 6.88 0.73
N ILE B 160 31.10 5.97 0.76
CA ILE B 160 30.61 5.25 -0.42
C ILE B 160 30.16 6.24 -1.50
N SER B 161 29.51 7.30 -1.02
CA SER B 161 29.08 8.40 -1.85
C SER B 161 30.26 8.98 -2.63
N GLU B 162 31.40 9.12 -1.96
CA GLU B 162 32.56 9.75 -2.57
C GLU B 162 33.23 8.90 -3.65
N VAL B 163 33.31 7.59 -3.42
CA VAL B 163 33.81 6.67 -4.40
C VAL B 163 32.94 6.57 -5.66
N LEU B 164 31.74 7.14 -5.63
CA LEU B 164 30.89 7.10 -6.83
C LEU B 164 31.02 8.38 -7.61
N ALA B 165 31.18 9.49 -6.86
CA ALA B 165 31.34 10.85 -7.41
C ALA B 165 30.22 11.28 -8.37
N GLY B 166 29.11 10.54 -8.38
CA GLY B 166 28.04 10.82 -9.35
C GLY B 166 28.17 10.10 -10.69
N LYS B 167 28.92 9.00 -10.71
CA LYS B 167 28.95 8.11 -11.86
C LYS B 167 27.86 7.03 -11.72
N ALA B 168 27.15 7.04 -10.59
CA ALA B 168 25.99 6.19 -10.35
C ALA B 168 25.05 6.82 -9.33
N ALA B 169 23.76 6.53 -9.46
CA ALA B 169 22.78 6.86 -8.43
C ALA B 169 23.01 6.02 -7.16
N LEU B 170 22.88 6.64 -5.99
CA LEU B 170 23.03 5.98 -4.68
C LEU B 170 21.71 5.85 -3.94
N HIS B 171 21.18 4.62 -3.88
CA HIS B 171 20.03 4.39 -3.03
C HIS B 171 20.47 3.88 -1.66
N ILE B 172 19.85 4.45 -0.61
CA ILE B 172 20.09 4.12 0.79
C ILE B 172 18.78 3.74 1.50
N ASP B 173 18.68 2.51 1.97
CA ASP B 173 17.57 2.16 2.84
C ASP B 173 17.85 2.65 4.25
N ALA B 174 17.05 3.59 4.72
CA ALA B 174 17.22 4.12 6.06
C ALA B 174 16.06 3.78 6.99
N THR B 175 15.47 2.60 6.79
CA THR B 175 14.42 2.08 7.70
C THR B 175 14.94 1.96 9.13
N ALA B 176 16.15 1.43 9.27
CA ALA B 176 16.78 1.16 10.57
C ALA B 176 17.28 2.44 11.20
N SER B 177 17.66 3.38 10.34
CA SER B 177 18.51 4.45 10.80
C SER B 177 17.71 5.63 11.36
N VAL B 178 16.60 6.03 10.73
CA VAL B 178 15.93 7.29 11.14
C VAL B 178 15.40 7.22 12.56
N GLY B 179 15.62 8.29 13.33
CA GLY B 179 15.25 8.33 14.74
C GLY B 179 16.36 7.80 15.64
N GLN B 180 17.24 6.97 15.07
CA GLN B 180 18.35 6.30 15.72
C GLN B 180 19.70 7.05 15.69
N ILE B 181 20.05 7.55 14.49
CA ILE B 181 21.29 8.29 14.19
C ILE B 181 20.99 9.34 13.10
N GLU B 182 21.89 10.30 12.90
CA GLU B 182 21.63 11.40 11.97
C GLU B 182 21.32 10.91 10.56
N VAL B 183 20.23 11.42 9.97
CA VAL B 183 19.95 11.12 8.57
C VAL B 183 19.69 12.42 7.84
N ASP B 184 20.76 12.97 7.31
CA ASP B 184 20.79 14.11 6.41
C ASP B 184 21.14 13.47 5.06
N VAL B 185 20.33 13.75 4.04
CA VAL B 185 20.61 13.23 2.70
C VAL B 185 21.72 14.04 2.04
N GLU B 186 21.98 15.21 2.59
CA GLU B 186 23.08 16.04 2.12
C GLU B 186 24.46 15.50 2.59
N LYS B 187 24.56 15.14 3.87
CA LYS B 187 25.78 14.59 4.39
C LYS B 187 26.13 13.25 3.72
N ILE B 188 25.11 12.45 3.41
CA ILE B 188 25.39 11.10 2.87
C ILE B 188 25.35 11.03 1.37
N GLY B 189 25.07 12.16 0.71
CA GLY B 189 24.82 12.17 -0.72
C GLY B 189 23.83 11.14 -1.27
N ALA B 190 22.74 10.89 -0.55
CA ALA B 190 21.60 10.10 -1.12
C ALA B 190 21.06 10.70 -2.45
N ASP B 191 20.73 9.82 -3.40
CA ASP B 191 19.96 10.21 -4.57
C ASP B 191 18.53 9.74 -4.41
N MET B 192 18.33 8.72 -3.57
CA MET B 192 17.04 8.14 -3.19
C MET B 192 17.19 7.60 -1.76
N LEU B 193 16.16 7.87 -0.93
CA LEU B 193 16.23 7.43 0.47
C LEU B 193 14.90 6.86 0.95
N THR B 194 14.92 5.61 1.43
CA THR B 194 13.70 4.99 1.99
C THR B 194 13.52 5.31 3.46
N ILE B 195 12.27 5.61 3.82
CA ILE B 195 11.83 6.00 5.16
C ILE B 195 10.58 5.17 5.54
N SER B 196 10.52 4.69 6.77
CA SER B 196 9.42 3.85 7.22
C SER B 196 8.70 4.50 8.41
N SER B 197 7.40 4.70 8.28
CA SER B 197 6.59 5.35 9.32
C SER B 197 6.51 4.62 10.66
N ASN B 198 6.43 3.30 10.65
CA ASN B 198 6.30 2.61 11.92
C ASN B 198 7.62 2.54 12.68
N ASP B 199 8.72 2.68 11.97
CA ASP B 199 10.01 2.57 12.60
C ASP B 199 10.32 3.83 13.43
N ILE B 200 9.50 4.88 13.25
CA ILE B 200 9.57 6.10 14.04
C ILE B 200 8.23 6.34 14.77
N TYR B 201 7.56 5.25 15.12
CA TYR B 201 6.31 5.30 15.89
C TYR B 201 5.14 5.99 15.22
N GLY B 202 5.22 6.15 13.89
CA GLY B 202 4.06 6.57 13.11
C GLY B 202 3.24 5.31 12.97
N PRO B 203 2.11 5.41 12.28
CA PRO B 203 1.26 4.25 12.00
C PRO B 203 1.91 3.34 11.00
N LYS B 204 1.59 2.05 11.07
CA LYS B 204 1.93 1.09 10.01
C LYS B 204 1.13 1.41 8.74
N GLY B 205 1.54 0.87 7.61
CA GLY B 205 0.70 1.01 6.44
C GLY B 205 1.13 2.12 5.49
N VAL B 206 2.07 2.96 5.93
CA VAL B 206 2.53 4.08 5.09
C VAL B 206 4.06 4.20 5.14
N GLY B 207 4.66 4.73 4.08
CA GLY B 207 6.10 4.94 4.11
C GLY B 207 6.47 5.87 3.00
N ALA B 208 7.77 6.19 2.88
CA ALA B 208 8.15 7.15 1.84
C ALA B 208 9.46 6.85 1.10
N LEU B 209 9.51 7.28 -0.15
CA LEU B 209 10.78 7.39 -0.87
C LEU B 209 11.07 8.87 -1.04
N TRP B 210 12.30 9.24 -0.71
CA TRP B 210 12.80 10.58 -1.00
C TRP B 210 13.63 10.46 -2.25
N ILE B 211 13.48 11.45 -3.12
CA ILE B 211 14.08 11.41 -4.47
C ILE B 211 14.71 12.76 -4.78
N ARG B 212 16.01 12.75 -5.02
CA ARG B 212 16.74 13.96 -5.44
C ARG B 212 16.13 14.56 -6.71
N LYS B 213 15.91 15.88 -6.71
CA LYS B 213 15.37 16.60 -7.88
C LYS B 213 16.16 16.27 -9.14
N GLU B 214 15.43 15.87 -10.17
CA GLU B 214 15.99 15.53 -11.47
C GLU B 214 16.74 14.17 -11.51
N ALA B 215 16.44 13.27 -10.57
CA ALA B 215 16.60 11.82 -10.82
C ALA B 215 15.21 11.28 -11.29
N LYS B 216 15.18 10.25 -12.12
CA LYS B 216 13.94 9.93 -12.81
C LYS B 216 13.59 8.48 -12.64
N LEU B 217 12.33 8.24 -12.32
CA LEU B 217 11.83 6.92 -11.99
C LEU B 217 10.57 6.68 -12.76
N GLN B 218 10.33 5.42 -13.08
CA GLN B 218 9.08 4.93 -13.63
C GLN B 218 8.21 4.30 -12.49
N PRO B 219 6.89 4.50 -12.51
CA PRO B 219 6.05 3.95 -11.41
C PRO B 219 5.91 2.43 -11.40
N VAL B 220 5.75 1.85 -10.23
CA VAL B 220 5.45 0.43 -10.16
C VAL B 220 3.95 0.17 -10.03
N ILE B 221 3.24 1.05 -9.30
CA ILE B 221 1.80 0.92 -9.12
C ILE B 221 1.14 1.89 -10.06
N LEU B 222 0.36 1.36 -11.00
CA LEU B 222 -0.20 2.15 -12.10
C LEU B 222 -1.65 2.42 -11.83
N GLY B 223 -2.12 3.59 -12.27
CA GLY B 223 -3.51 3.98 -12.09
C GLY B 223 -3.90 5.40 -12.43
N GLY B 224 -4.57 6.04 -11.46
CA GLY B 224 -5.17 7.37 -11.59
C GLY B 224 -4.22 8.54 -11.47
N GLY B 225 -2.98 8.31 -11.11
CA GLY B 225 -2.00 9.36 -11.31
C GLY B 225 -1.64 10.25 -10.11
N GLN B 226 -1.78 9.73 -8.89
CA GLN B 226 -1.43 10.47 -7.68
C GLN B 226 0.05 10.51 -7.46
N GLU B 227 0.48 11.40 -6.56
CA GLU B 227 1.89 11.69 -6.35
C GLU B 227 2.57 12.00 -7.68
N ASN B 228 1.92 12.83 -8.52
CA ASN B 228 2.49 13.19 -9.80
C ASN B 228 2.93 12.00 -10.68
N GLY B 229 2.15 10.92 -10.67
CA GLY B 229 2.37 9.84 -11.59
C GLY B 229 3.18 8.70 -11.05
N LEU B 230 3.81 8.92 -9.91
CA LEU B 230 4.76 8.02 -9.37
C LEU B 230 4.14 6.88 -8.54
N ARG B 231 2.93 7.09 -8.00
CA ARG B 231 2.26 6.14 -7.11
C ARG B 231 0.75 6.39 -7.11
N SER B 232 0.02 5.62 -7.90
CA SER B 232 -1.44 5.78 -7.95
C SER B 232 -2.18 5.14 -6.77
N GLY B 233 -3.44 5.52 -6.60
CA GLY B 233 -4.24 5.10 -5.44
C GLY B 233 -4.69 6.35 -4.71
N SER B 234 -5.94 6.39 -4.24
CA SER B 234 -6.39 7.51 -3.35
C SER B 234 -5.50 7.60 -2.13
N GLU B 235 -5.14 8.81 -1.73
CA GLU B 235 -4.11 8.98 -0.71
C GLU B 235 -4.68 8.63 0.70
N ASN B 236 -3.91 7.89 1.51
CA ASN B 236 -4.36 7.47 2.85
C ASN B 236 -4.01 8.59 3.84
N VAL B 237 -4.80 9.67 3.73
CA VAL B 237 -4.67 10.92 4.50
C VAL B 237 -4.56 10.72 6.02
N PRO B 238 -5.40 9.87 6.61
CA PRO B 238 -5.09 9.70 8.03
C PRO B 238 -3.63 9.24 8.33
N SER B 239 -3.13 8.23 7.62
CA SER B 239 -1.81 7.63 7.91
C SER B 239 -0.64 8.52 7.54
N ILE B 240 -0.86 9.31 6.48
CA ILE B 240 0.04 10.36 6.05
C ILE B 240 0.11 11.47 7.12
N VAL B 241 -1.03 11.94 7.60
CA VAL B 241 -1.01 12.93 8.66
C VAL B 241 -0.40 12.38 9.94
N GLY B 242 -0.48 11.08 10.15
CA GLY B 242 0.23 10.42 11.25
C GLY B 242 1.74 10.41 11.08
N PHE B 243 2.18 9.92 9.93
CA PHE B 243 3.59 9.96 9.51
C PHE B 243 4.12 11.43 9.69
N GLY B 244 3.29 12.42 9.37
CA GLY B 244 3.66 13.82 9.54
C GLY B 244 4.02 14.19 10.98
N LYS B 245 3.09 13.95 11.90
CA LYS B 245 3.35 14.14 13.31
C LYS B 245 4.57 13.37 13.83
N ALA B 246 4.70 12.10 13.44
CA ALA B 246 5.79 11.26 13.92
C ALA B 246 7.14 11.88 13.57
N ALA B 247 7.32 12.22 12.29
CA ALA B 247 8.46 12.96 11.80
C ALA B 247 8.72 14.19 12.68
N GLU B 248 7.66 14.97 12.91
CA GLU B 248 7.73 16.14 13.75
C GLU B 248 8.27 15.82 15.15
N ILE B 249 7.78 14.75 15.76
CA ILE B 249 8.24 14.36 17.10
C ILE B 249 9.61 13.71 17.14
N THR B 250 9.92 12.91 16.11
CA THR B 250 11.26 12.34 15.99
C THR B 250 12.31 13.44 15.93
N ALA B 251 11.96 14.56 15.32
CA ALA B 251 12.93 15.64 15.12
C ALA B 251 13.24 16.35 16.43
N MET B 252 12.22 16.51 17.27
CA MET B 252 12.42 17.10 18.57
C MET B 252 13.19 16.17 19.49
N GLU B 253 12.80 14.90 19.55
CA GLU B 253 13.26 14.01 20.64
C GLU B 253 14.33 12.93 20.37
N TRP B 254 14.73 12.72 19.11
CA TRP B 254 15.55 11.54 18.80
C TRP B 254 16.87 11.50 19.56
N ARG B 255 17.56 12.64 19.62
CA ARG B 255 18.90 12.67 20.22
C ARG B 255 18.83 12.30 21.69
N GLU B 256 17.81 12.80 22.39
CA GLU B 256 17.68 12.51 23.79
C GLU B 256 17.46 11.03 24.01
N GLU B 257 16.50 10.47 23.28
CA GLU B 257 16.09 9.06 23.48
C GLU B 257 17.06 8.03 22.84
N ALA B 258 17.74 8.43 21.77
CA ALA B 258 18.85 7.65 21.28
C ALA B 258 19.88 7.42 22.40
N GLU B 259 20.14 8.48 23.18
CA GLU B 259 21.10 8.45 24.29
C GLU B 259 20.65 7.46 25.37
N ARG B 260 19.41 7.63 25.82
CA ARG B 260 18.84 6.71 26.78
C ARG B 260 18.97 5.29 26.22
N LEU B 261 18.68 5.11 24.93
CA LEU B 261 18.71 3.79 24.32
C LEU B 261 20.09 3.09 24.28
N ARG B 262 21.15 3.81 23.88
CA ARG B 262 22.54 3.28 23.92
C ARG B 262 22.99 2.85 25.34
N ARG B 263 22.67 3.68 26.33
CA ARG B 263 22.94 3.40 27.73
C ARG B 263 22.32 2.08 28.11
N LEU B 264 21.05 1.88 27.73
CA LEU B 264 20.41 0.58 27.87
C LEU B 264 21.06 -0.55 27.06
N ARG B 265 21.43 -0.29 25.81
CA ARG B 265 22.02 -1.32 24.97
C ARG B 265 23.31 -1.92 25.55
N ASP B 266 24.22 -1.04 25.99
CA ASP B 266 25.52 -1.46 26.55
C ASP B 266 25.39 -2.34 27.79
N ARG B 267 24.49 -1.91 28.69
CA ARG B 267 24.21 -2.60 29.92
C ARG B 267 23.77 -4.01 29.61
N ILE B 268 22.88 -4.16 28.63
CA ILE B 268 22.46 -5.48 28.21
C ILE B 268 23.69 -6.22 27.66
N ILE B 269 24.49 -5.55 26.83
CA ILE B 269 25.65 -6.17 26.19
C ILE B 269 26.72 -6.71 27.18
N ASP B 270 27.15 -5.86 28.11
CA ASP B 270 28.26 -6.17 29.03
C ASP B 270 27.84 -7.18 30.13
N ASN B 271 26.54 -7.40 30.26
CA ASN B 271 26.03 -8.44 31.14
C ASN B 271 25.78 -9.77 30.45
N VAL B 272 25.05 -9.71 29.34
CA VAL B 272 24.72 -10.89 28.54
C VAL B 272 25.98 -11.69 28.18
N LEU B 273 27.11 -11.01 27.99
CA LEU B 273 28.32 -11.72 27.59
C LEU B 273 29.08 -12.33 28.75
N LYS B 274 28.56 -12.15 29.96
CA LYS B 274 29.02 -12.91 31.12
C LYS B 274 28.49 -14.39 31.10
N ILE B 275 27.87 -14.81 30.00
CA ILE B 275 27.33 -16.16 29.89
C ILE B 275 28.30 -17.04 29.10
N GLU B 276 28.66 -18.18 29.67
CA GLU B 276 29.56 -19.10 29.01
C GLU B 276 29.19 -19.25 27.53
N GLU B 277 30.12 -18.94 26.62
CA GLU B 277 29.96 -19.22 25.17
C GLU B 277 29.01 -18.28 24.41
N SER B 278 29.13 -16.98 24.68
CA SER B 278 28.32 -15.97 24.04
C SER B 278 29.16 -15.05 23.15
N TYR B 279 28.74 -14.90 21.91
CA TYR B 279 29.40 -14.02 20.98
C TYR B 279 28.42 -12.94 20.44
N LEU B 280 28.88 -11.69 20.44
CA LEU B 280 28.15 -10.59 19.84
C LEU B 280 28.23 -10.66 18.31
N ASN B 281 27.08 -10.52 17.64
CA ASN B 281 27.00 -10.43 16.20
C ASN B 281 26.97 -8.96 15.76
N GLY B 282 27.60 -8.68 14.64
CA GLY B 282 27.64 -7.30 14.18
C GLY B 282 28.69 -6.45 14.88
N HIS B 283 28.86 -5.22 14.37
CA HIS B 283 29.91 -4.32 14.86
C HIS B 283 29.64 -3.83 16.30
N PRO B 284 30.65 -3.89 17.17
CA PRO B 284 30.42 -3.60 18.59
C PRO B 284 30.27 -2.12 18.93
N GLU B 285 30.90 -1.26 18.15
CA GLU B 285 30.90 0.18 18.49
C GLU B 285 30.12 1.02 17.46
N LYS B 286 30.46 0.89 16.18
CA LYS B 286 29.74 1.55 15.05
C LYS B 286 28.41 0.85 14.75
N ARG B 287 27.47 1.01 15.69
CA ARG B 287 26.33 0.12 15.85
C ARG B 287 25.08 0.92 16.20
N LEU B 288 23.92 0.42 15.80
CA LEU B 288 22.70 1.12 16.14
C LEU B 288 22.49 1.10 17.65
N PRO B 289 22.03 2.22 18.22
CA PRO B 289 21.70 2.35 19.64
C PRO B 289 20.76 1.25 20.12
N ASN B 290 19.71 0.96 19.36
CA ASN B 290 18.68 0.04 19.85
C ASN B 290 18.93 -1.45 19.66
N ASN B 291 20.12 -1.83 19.18
CA ASN B 291 20.39 -3.22 18.66
C ASN B 291 21.37 -4.13 19.47
N VAL B 292 20.89 -5.32 19.87
CA VAL B 292 21.72 -6.36 20.48
C VAL B 292 21.49 -7.69 19.77
N ASN B 293 22.55 -8.28 19.22
CA ASN B 293 22.45 -9.57 18.54
C ASN B 293 23.58 -10.48 18.99
N VAL B 294 23.23 -11.50 19.76
CA VAL B 294 24.24 -12.37 20.36
C VAL B 294 23.90 -13.80 20.01
N ARG B 295 24.90 -14.66 19.92
CA ARG B 295 24.59 -16.06 19.73
C ARG B 295 25.03 -16.88 20.94
N PHE B 296 24.38 -18.04 21.08
CA PHE B 296 24.63 -18.93 22.19
C PHE B 296 24.95 -20.31 21.66
N SER B 297 26.07 -20.86 22.07
CA SER B 297 26.52 -22.16 21.60
C SER B 297 25.67 -23.30 22.23
N TYR B 298 25.50 -24.35 21.44
CA TYR B 298 24.88 -25.62 21.86
C TYR B 298 23.35 -25.62 21.87
N ILE B 299 22.75 -24.44 21.74
CA ILE B 299 21.28 -24.38 21.75
C ILE B 299 20.72 -23.66 20.51
N GLU B 300 19.40 -23.55 20.42
CA GLU B 300 18.77 -23.04 19.19
C GLU B 300 17.80 -21.88 19.42
N GLY B 301 17.75 -20.97 18.45
CA GLY B 301 17.12 -19.64 18.56
C GLY B 301 15.66 -19.55 18.96
N GLU B 302 14.80 -20.20 18.18
CA GLU B 302 13.36 -20.26 18.46
C GLU B 302 13.10 -20.74 19.91
N SER B 303 13.80 -21.81 20.30
CA SER B 303 13.72 -22.30 21.67
C SER B 303 13.95 -21.18 22.71
N ILE B 304 14.98 -20.36 22.51
CA ILE B 304 15.32 -19.27 23.44
C ILE B 304 14.21 -18.22 23.52
N VAL B 305 13.70 -17.85 22.35
CA VAL B 305 12.67 -16.81 22.21
C VAL B 305 11.37 -17.25 22.87
N LEU B 306 11.03 -18.52 22.68
CA LEU B 306 9.82 -19.05 23.28
C LEU B 306 9.89 -19.20 24.79
N SER B 307 11.09 -19.43 25.30
CA SER B 307 11.23 -19.57 26.74
C SER B 307 11.14 -18.20 27.39
N LEU B 308 11.63 -17.18 26.68
CA LEU B 308 11.54 -15.80 27.13
C LEU B 308 10.09 -15.31 27.09
N ASP B 309 9.40 -15.58 25.99
CA ASP B 309 8.02 -15.16 25.89
C ASP B 309 7.22 -15.71 27.07
N MET B 310 7.45 -16.97 27.42
CA MET B 310 6.86 -17.53 28.63
C MET B 310 7.13 -16.75 29.96
N ALA B 311 8.27 -16.10 30.07
CA ALA B 311 8.55 -15.23 31.20
C ALA B 311 7.98 -13.82 31.01
N GLY B 312 7.23 -13.62 29.93
CA GLY B 312 6.78 -12.28 29.56
C GLY B 312 7.90 -11.43 28.98
N ILE B 313 8.66 -11.98 28.01
CA ILE B 313 9.70 -11.25 27.30
C ILE B 313 9.70 -11.58 25.79
N GLN B 314 9.51 -10.53 24.99
CA GLN B 314 9.35 -10.66 23.52
C GLN B 314 10.60 -10.19 22.77
N ALA B 315 11.15 -11.11 21.98
CA ALA B 315 12.42 -10.94 21.32
C ALA B 315 12.42 -11.66 19.93
N SER B 316 13.58 -11.92 19.34
CA SER B 316 13.67 -12.32 17.92
C SER B 316 14.85 -13.26 17.65
N THR B 317 14.92 -13.89 16.49
CA THR B 317 16.06 -14.77 16.20
C THR B 317 16.28 -14.95 14.72
N GLY B 318 17.52 -15.12 14.32
CA GLY B 318 17.82 -15.45 12.95
C GLY B 318 17.91 -16.95 12.73
N SER B 319 17.31 -17.73 13.61
CA SER B 319 17.46 -19.19 13.48
C SER B 319 16.70 -19.70 12.28
N ALA B 320 17.27 -20.71 11.63
CA ALA B 320 16.61 -21.36 10.52
C ALA B 320 15.30 -21.94 10.93
N CYS B 321 15.23 -22.46 12.18
CA CYS B 321 14.05 -23.17 12.66
C CYS B 321 12.84 -22.26 12.83
N SER B 322 13.11 -20.96 13.01
CA SER B 322 12.05 -19.96 13.16
C SER B 322 11.50 -19.51 11.82
N SER B 323 12.10 -19.95 10.70
CA SER B 323 11.76 -19.44 9.37
C SER B 323 10.81 -20.36 8.64
N LYS B 324 9.91 -19.76 7.85
CA LYS B 324 8.88 -20.51 7.15
C LYS B 324 9.46 -21.26 5.95
N THR B 325 10.57 -20.76 5.41
CA THR B 325 11.31 -21.43 4.32
C THR B 325 12.41 -22.31 4.92
N LEU B 326 12.49 -22.31 6.25
CA LEU B 326 13.59 -22.92 7.03
C LEU B 326 15.00 -22.50 6.58
N GLN B 327 15.10 -21.31 5.97
CA GLN B 327 16.38 -20.69 5.61
C GLN B 327 16.93 -19.83 6.76
N PRO B 328 18.26 -19.90 7.03
CA PRO B 328 18.80 -19.00 8.06
C PRO B 328 18.96 -17.60 7.50
N SER B 329 19.22 -16.64 8.37
CA SER B 329 19.38 -15.26 7.93
C SER B 329 20.51 -15.14 6.93
N HIS B 330 20.19 -14.54 5.78
CA HIS B 330 21.18 -14.29 4.74
C HIS B 330 22.19 -13.27 5.21
N VAL B 331 21.76 -12.32 6.06
CA VAL B 331 22.67 -11.32 6.59
C VAL B 331 23.79 -12.04 7.30
N LEU B 332 23.44 -13.06 8.08
CA LEU B 332 24.42 -13.80 8.88
C LEU B 332 25.26 -14.77 8.05
N MET B 333 24.74 -15.29 6.94
CA MET B 333 25.57 -16.12 6.05
C MET B 333 26.59 -15.28 5.25
N ALA B 334 26.22 -14.04 4.96
CA ALA B 334 27.10 -13.14 4.25
C ALA B 334 28.26 -12.78 5.18
N CYS B 335 27.93 -12.44 6.43
CA CYS B 335 28.97 -12.25 7.45
C CYS B 335 29.96 -13.41 7.55
N GLY B 336 29.53 -14.59 7.12
CA GLY B 336 30.36 -15.79 7.17
C GLY B 336 30.19 -16.67 8.40
N LEU B 337 29.13 -16.47 9.18
CA LEU B 337 28.70 -17.43 10.20
C LEU B 337 28.34 -18.79 9.61
N LYS B 338 28.85 -19.87 10.23
CA LYS B 338 28.51 -21.26 9.90
C LYS B 338 27.01 -21.43 10.12
N HIS B 339 26.36 -22.30 9.33
CA HIS B 339 24.92 -22.57 9.49
C HIS B 339 24.60 -22.94 10.95
N GLU B 340 25.51 -23.73 11.54
CA GLU B 340 25.37 -24.24 12.92
C GLU B 340 25.52 -23.11 13.92
N GLU B 341 26.28 -22.10 13.55
CA GLU B 341 26.48 -20.96 14.41
C GLU B 341 25.23 -20.09 14.42
N ALA B 342 24.52 -20.04 13.30
CA ALA B 342 23.36 -19.19 13.16
C ALA B 342 22.17 -19.68 13.99
N HIS B 343 22.26 -20.91 14.47
CA HIS B 343 21.15 -21.50 15.22
C HIS B 343 20.78 -20.76 16.49
N GLY B 344 21.79 -20.31 17.23
CA GLY B 344 21.57 -19.85 18.60
C GLY B 344 21.53 -18.35 18.80
N THR B 345 21.34 -17.60 17.71
CA THR B 345 21.25 -16.15 17.76
C THR B 345 20.01 -15.66 18.53
N LEU B 346 20.19 -14.61 19.32
CA LEU B 346 19.08 -13.93 20.00
C LEU B 346 19.13 -12.42 19.72
N LEU B 347 18.00 -11.86 19.30
CA LEU B 347 17.98 -10.47 18.87
C LEU B 347 17.05 -9.69 19.78
N LEU B 348 17.62 -8.67 20.40
CA LEU B 348 16.87 -7.77 21.24
C LEU B 348 16.93 -6.39 20.58
N THR B 349 15.75 -5.84 20.29
CA THR B 349 15.62 -4.55 19.66
C THR B 349 14.94 -3.64 20.67
N LEU B 350 15.63 -2.60 21.10
CA LEU B 350 15.15 -1.73 22.16
C LEU B 350 14.42 -0.57 21.53
N GLY B 351 13.48 0.03 22.22
CA GLY B 351 12.72 1.15 21.67
C GLY B 351 12.10 2.07 22.70
N ARG B 352 11.35 3.07 22.20
CA ARG B 352 10.83 4.21 22.98
C ARG B 352 10.24 3.88 24.33
N TYR B 353 9.56 2.74 24.45
CA TYR B 353 8.92 2.41 25.74
C TYR B 353 9.75 1.55 26.69
N ASN B 354 10.95 1.19 26.28
CA ASN B 354 11.87 0.44 27.11
C ASN B 354 12.33 1.24 28.33
N THR B 355 12.52 0.53 29.44
CA THR B 355 12.85 1.17 30.71
C THR B 355 13.80 0.30 31.53
N ASP B 356 14.41 0.90 32.55
CA ASP B 356 15.36 0.25 33.46
C ASP B 356 14.86 -1.09 34.01
N GLU B 357 13.66 -1.09 34.60
CA GLU B 357 13.03 -2.32 35.12
C GLU B 357 12.92 -3.47 34.10
N ASP B 358 12.64 -3.13 32.83
CA ASP B 358 12.65 -4.13 31.74
C ASP B 358 13.99 -4.87 31.65
N VAL B 359 15.07 -4.08 31.70
CA VAL B 359 16.41 -4.59 31.54
C VAL B 359 16.80 -5.42 32.75
N ASP B 360 16.48 -4.89 33.91
CA ASP B 360 16.60 -5.62 35.17
C ASP B 360 15.99 -7.02 35.02
N ARG B 361 14.74 -7.07 34.55
CA ARG B 361 13.99 -8.33 34.39
C ARG B 361 14.62 -9.24 33.34
N LEU B 362 15.11 -8.65 32.24
CA LEU B 362 15.78 -9.37 31.15
C LEU B 362 16.99 -10.11 31.71
N LEU B 363 17.81 -9.38 32.46
CA LEU B 363 19.05 -9.92 32.99
C LEU B 363 18.82 -11.00 34.06
N GLU B 364 17.66 -10.92 34.72
CA GLU B 364 17.28 -11.90 35.76
C GLU B 364 16.59 -13.17 35.24
N VAL B 365 16.00 -13.15 34.05
CA VAL B 365 15.36 -14.35 33.46
C VAL B 365 16.19 -15.09 32.39
N LEU B 366 17.09 -14.39 31.69
CA LEU B 366 17.83 -14.99 30.57
C LEU B 366 18.76 -16.14 30.98
N PRO B 367 19.72 -15.91 31.89
CA PRO B 367 20.63 -16.96 32.41
C PRO B 367 19.98 -18.34 32.70
N GLY B 368 18.85 -18.36 33.38
CA GLY B 368 18.03 -19.58 33.52
C GLY B 368 17.66 -20.25 32.18
N VAL B 369 17.33 -19.44 31.16
CA VAL B 369 16.99 -19.94 29.81
C VAL B 369 18.19 -20.59 29.12
N ILE B 370 19.38 -20.01 29.26
CA ILE B 370 20.55 -20.59 28.58
C ILE B 370 20.93 -21.93 29.23
N GLU B 371 21.15 -21.89 30.54
CA GLU B 371 21.51 -23.07 31.31
C GLU B 371 20.51 -24.21 31.08
N ARG B 372 19.20 -23.90 31.25
CA ARG B 372 18.12 -24.89 31.13
C ARG B 372 18.01 -25.52 29.74
N LEU B 373 18.19 -24.69 28.71
CA LEU B 373 18.16 -25.18 27.35
C LEU B 373 19.43 -25.98 27.04
N ARG B 374 20.51 -25.64 27.75
CA ARG B 374 21.78 -26.35 27.58
C ARG B 374 21.75 -27.71 28.27
N SER B 375 20.98 -27.79 29.35
CA SER B 375 20.78 -29.04 30.10
C SER B 375 20.26 -30.19 29.23
N MET B 376 19.74 -29.84 28.05
CA MET B 376 19.08 -30.78 27.17
C MET B 376 19.88 -31.09 25.92
N SER B 377 20.88 -30.27 25.64
CA SER B 377 21.55 -30.33 24.34
C SER B 377 22.85 -31.13 24.32
N PRO B 378 22.97 -32.06 23.34
CA PRO B 378 24.24 -32.70 22.94
C PRO B 378 25.27 -31.71 22.38
N TYR C 2 -7.18 27.17 -5.03
CA TYR C 2 -7.63 28.56 -5.35
C TYR C 2 -7.39 29.55 -4.21
N SER C 3 -7.96 30.75 -4.31
CA SER C 3 -7.61 31.84 -3.41
C SER C 3 -8.80 32.64 -2.96
N ASP C 4 -8.63 33.43 -1.92
CA ASP C 4 -9.75 34.15 -1.32
C ASP C 4 -10.47 35.08 -2.30
N LYS C 5 -9.71 35.78 -3.16
CA LYS C 5 -10.31 36.67 -4.19
C LYS C 5 -10.97 35.90 -5.34
N VAL C 6 -10.33 34.83 -5.79
CA VAL C 6 -10.93 33.96 -6.78
C VAL C 6 -12.30 33.58 -6.27
N PHE C 7 -12.36 33.08 -5.04
CA PHE C 7 -13.63 32.65 -4.45
C PHE C 7 -14.64 33.77 -4.32
N ASP C 8 -14.19 34.97 -3.96
CA ASP C 8 -15.14 36.11 -3.88
C ASP C 8 -15.67 36.51 -5.24
N HIS C 9 -14.79 36.55 -6.23
CA HIS C 9 -15.24 36.93 -7.57
C HIS C 9 -16.18 35.94 -8.21
N PHE C 10 -15.88 34.66 -8.07
CA PHE C 10 -16.68 33.57 -8.64
C PHE C 10 -18.07 33.50 -7.99
N GLN C 11 -18.11 33.86 -6.72
CA GLN C 11 -19.32 33.74 -5.94
C GLN C 11 -20.16 35.00 -6.10
N ASN C 12 -19.49 36.16 -6.18
CA ASN C 12 -20.18 37.41 -6.45
C ASN C 12 -19.65 38.10 -7.70
N PRO C 13 -19.72 37.43 -8.85
CA PRO C 13 -19.04 37.94 -10.05
C PRO C 13 -19.51 39.34 -10.49
N ARG C 14 -18.59 40.23 -10.82
CA ARG C 14 -19.02 41.57 -11.28
C ARG C 14 -19.29 41.71 -12.79
N ASN C 15 -20.24 42.60 -13.12
CA ASN C 15 -20.57 42.97 -14.51
C ASN C 15 -21.07 41.84 -15.41
N VAL C 16 -21.80 40.89 -14.84
CA VAL C 16 -22.45 39.84 -15.59
C VAL C 16 -23.58 40.36 -16.48
N GLY C 17 -23.50 40.04 -17.77
CA GLY C 17 -24.64 40.20 -18.69
C GLY C 17 -24.30 40.35 -20.17
N LYS C 18 -25.35 40.60 -20.96
CA LYS C 18 -25.23 41.06 -22.33
C LYS C 18 -25.28 42.59 -22.40
N ILE C 19 -25.10 43.13 -23.61
CA ILE C 19 -25.31 44.54 -23.94
C ILE C 19 -25.76 44.61 -25.41
N GLU C 20 -27.05 44.92 -25.61
CA GLU C 20 -27.60 45.37 -26.89
C GLU C 20 -27.25 46.86 -26.97
N ASP C 21 -26.36 47.23 -27.88
CA ASP C 21 -25.80 48.57 -27.93
C ASP C 21 -24.34 48.39 -28.32
N ALA C 22 -23.66 47.54 -27.58
CA ALA C 22 -22.24 47.15 -27.81
C ALA C 22 -21.47 47.88 -28.91
N ASP C 23 -20.62 48.81 -28.51
CA ASP C 23 -19.75 49.50 -29.43
C ASP C 23 -18.59 48.61 -29.76
N GLY C 24 -18.43 47.55 -28.97
CA GLY C 24 -17.45 46.50 -29.27
C GLY C 24 -17.75 45.16 -28.62
N VAL C 25 -17.41 44.07 -29.31
CA VAL C 25 -17.72 42.69 -28.90
C VAL C 25 -16.53 41.75 -29.14
N GLY C 26 -16.09 41.07 -28.08
CA GLY C 26 -14.96 40.20 -28.15
C GLY C 26 -15.35 38.80 -27.66
N THR C 27 -15.13 37.79 -28.49
CA THR C 27 -15.44 36.42 -28.16
C THR C 27 -14.27 35.49 -28.43
N VAL C 28 -13.88 34.69 -27.46
CA VAL C 28 -12.79 33.70 -27.59
C VAL C 28 -13.19 32.36 -26.96
N GLY C 29 -12.55 31.30 -27.46
CA GLY C 29 -12.78 29.93 -27.02
C GLY C 29 -11.45 29.29 -26.78
N ASN C 30 -11.31 28.54 -25.70
CA ASN C 30 -10.06 27.86 -25.48
C ASN C 30 -10.04 26.49 -26.18
N PRO C 31 -9.14 26.30 -27.16
CA PRO C 31 -9.06 25.03 -27.89
C PRO C 31 -9.00 23.80 -26.95
N VAL C 32 -8.22 23.87 -25.87
CA VAL C 32 -7.99 22.75 -24.95
C VAL C 32 -9.24 22.32 -24.16
N CYS C 33 -9.72 23.17 -23.27
CA CYS C 33 -10.81 22.77 -22.39
C CYS C 33 -12.21 23.10 -22.94
N GLY C 34 -12.28 23.93 -23.97
CA GLY C 34 -13.55 24.25 -24.61
C GLY C 34 -14.34 25.34 -23.89
N ASP C 35 -13.65 26.20 -23.13
CA ASP C 35 -14.28 27.37 -22.51
C ASP C 35 -14.64 28.39 -23.60
N LEU C 36 -15.72 29.14 -23.37
CA LEU C 36 -16.07 30.23 -24.25
C LEU C 36 -16.40 31.48 -23.46
N MET C 37 -16.02 32.64 -24.00
CA MET C 37 -16.28 33.94 -23.37
C MET C 37 -16.57 35.07 -24.35
N THR C 38 -17.46 35.97 -23.96
CA THR C 38 -17.63 37.20 -24.68
C THR C 38 -17.77 38.43 -23.75
N ILE C 39 -17.07 39.49 -24.10
CA ILE C 39 -17.15 40.74 -23.36
C ILE C 39 -17.80 41.79 -24.21
N TYR C 40 -18.78 42.48 -23.62
CA TYR C 40 -19.42 43.66 -24.23
C TYR C 40 -18.88 44.95 -23.62
N ILE C 41 -18.46 45.88 -24.46
CA ILE C 41 -18.20 47.28 -24.04
C ILE C 41 -19.10 48.33 -24.71
N LYS C 42 -19.44 49.38 -23.96
CA LYS C 42 -19.93 50.62 -24.52
C LYS C 42 -18.85 51.65 -24.34
N VAL C 43 -18.37 52.25 -25.43
CA VAL C 43 -17.35 53.28 -25.35
C VAL C 43 -18.00 54.65 -25.57
N LYS C 44 -17.75 55.61 -24.66
CA LYS C 44 -18.17 56.98 -24.91
C LYS C 44 -17.01 57.90 -25.34
N ASP C 45 -16.20 58.38 -24.41
CA ASP C 45 -15.18 59.36 -24.79
C ASP C 45 -13.79 58.71 -24.83
N ASN C 46 -13.66 57.67 -25.64
CA ASN C 46 -12.46 56.84 -25.58
C ASN C 46 -12.31 56.10 -24.20
N ARG C 47 -13.44 55.90 -23.52
CA ARG C 47 -13.45 55.21 -22.23
C ARG C 47 -14.54 54.13 -22.19
N ILE C 48 -14.27 53.03 -21.48
CA ILE C 48 -15.29 52.01 -21.27
C ILE C 48 -16.36 52.50 -20.28
N GLU C 49 -17.42 53.08 -20.81
CA GLU C 49 -18.44 53.65 -19.97
C GLU C 49 -19.09 52.45 -19.30
N ASP C 50 -19.46 51.48 -20.12
CA ASP C 50 -20.04 50.26 -19.63
C ASP C 50 -19.42 48.94 -20.19
N ILE C 51 -19.46 47.91 -19.37
CA ILE C 51 -18.86 46.62 -19.71
C ILE C 51 -19.69 45.45 -19.14
N LYS C 52 -19.89 44.42 -19.93
CA LYS C 52 -20.47 43.20 -19.38
C LYS C 52 -19.79 41.99 -19.95
N PHE C 53 -19.89 40.88 -19.23
CA PHE C 53 -19.38 39.59 -19.76
C PHE C 53 -20.36 38.44 -19.66
N GLN C 54 -20.14 37.48 -20.54
CA GLN C 54 -20.82 36.21 -20.50
C GLN C 54 -19.77 35.13 -20.71
N THR C 55 -19.60 34.26 -19.72
CA THR C 55 -18.56 33.23 -19.80
C THR C 55 -19.04 31.81 -19.44
N PHE C 56 -18.48 30.85 -20.17
CA PHE C 56 -18.78 29.43 -20.03
C PHE C 56 -17.47 28.76 -19.66
N GLY C 57 -17.37 28.38 -18.40
CA GLY C 57 -16.10 27.85 -17.94
C GLY C 57 -16.14 27.60 -16.48
N CYS C 58 -14.96 27.32 -15.92
CA CYS C 58 -14.80 26.96 -14.51
C CYS C 58 -14.83 28.18 -13.57
N ALA C 59 -14.50 27.92 -12.32
CA ALA C 59 -14.46 28.93 -11.28
C ALA C 59 -13.40 30.00 -11.56
N ALA C 60 -12.26 29.58 -12.10
CA ALA C 60 -11.22 30.52 -12.48
C ALA C 60 -11.65 31.42 -13.63
N ALA C 61 -12.37 30.87 -14.60
CA ALA C 61 -12.66 31.64 -15.79
C ALA C 61 -13.68 32.66 -15.38
N ILE C 62 -14.50 32.33 -14.40
CA ILE C 62 -15.48 33.31 -13.98
C ILE C 62 -14.79 34.45 -13.17
N ALA C 63 -13.80 34.10 -12.36
CA ALA C 63 -13.19 35.03 -11.46
C ALA C 63 -12.38 35.98 -12.30
N THR C 64 -11.63 35.42 -13.25
CA THR C 64 -10.83 36.20 -14.19
C THR C 64 -11.71 37.16 -15.04
N SER C 65 -12.82 36.66 -15.60
CA SER C 65 -13.77 37.52 -16.31
C SER C 65 -14.26 38.66 -15.40
N SER C 66 -14.58 38.31 -14.15
CA SER C 66 -15.12 39.31 -13.24
C SER C 66 -14.08 40.40 -12.94
N MET C 67 -12.85 39.98 -12.61
CA MET C 67 -11.76 40.91 -12.31
C MET C 67 -11.47 41.79 -13.53
N ALA C 68 -11.11 41.18 -14.65
CA ALA C 68 -10.85 41.90 -15.89
C ALA C 68 -11.86 43.00 -16.17
N THR C 69 -13.14 42.67 -16.14
CA THR C 69 -14.15 43.71 -16.37
C THR C 69 -14.15 44.75 -15.25
N GLU C 70 -13.94 44.30 -14.01
CA GLU C 70 -13.88 45.26 -12.93
C GLU C 70 -12.68 46.18 -13.08
N MET C 71 -11.56 45.64 -13.54
CA MET C 71 -10.38 46.45 -13.79
C MET C 71 -10.56 47.37 -15.00
N ALA C 72 -11.49 47.06 -15.90
CA ALA C 72 -11.59 47.87 -17.12
C ALA C 72 -12.53 49.04 -17.00
N LYS C 73 -13.50 48.92 -16.10
CA LYS C 73 -14.63 49.84 -16.03
C LYS C 73 -14.23 51.30 -15.72
N GLY C 74 -14.60 52.18 -16.66
CA GLY C 74 -14.44 53.63 -16.53
C GLY C 74 -13.08 54.13 -16.99
N LYS C 75 -12.23 53.22 -17.49
CA LYS C 75 -10.85 53.54 -17.93
C LYS C 75 -10.81 53.99 -19.37
N THR C 76 -9.78 54.74 -19.73
CA THR C 76 -9.50 55.04 -21.16
C THR C 76 -9.05 53.73 -21.85
N ILE C 77 -9.27 53.66 -23.16
CA ILE C 77 -8.83 52.51 -23.95
C ILE C 77 -7.33 52.21 -23.84
N GLU C 78 -6.50 53.23 -23.77
CA GLU C 78 -5.06 53.08 -23.57
C GLU C 78 -4.77 52.27 -22.30
N GLU C 79 -5.44 52.68 -21.22
CA GLU C 79 -5.30 52.05 -19.92
C GLU C 79 -5.81 50.61 -19.97
N ALA C 80 -7.03 50.44 -20.44
CA ALA C 80 -7.61 49.10 -20.51
C ALA C 80 -6.78 48.06 -21.25
N LEU C 81 -5.96 48.51 -22.21
CA LEU C 81 -5.13 47.60 -23.00
C LEU C 81 -3.95 47.07 -22.24
N LYS C 82 -3.66 47.67 -21.10
CA LYS C 82 -2.54 47.24 -20.30
C LYS C 82 -2.91 46.05 -19.39
N ILE C 83 -4.18 45.68 -19.44
CA ILE C 83 -4.74 44.61 -18.61
C ILE C 83 -4.39 43.24 -19.19
N THR C 84 -3.17 42.81 -19.00
CA THR C 84 -2.77 41.52 -19.50
C THR C 84 -3.23 40.38 -18.59
N ARG C 85 -2.84 39.16 -18.96
CA ARG C 85 -3.29 37.98 -18.23
C ARG C 85 -2.59 37.93 -16.88
N ASP C 86 -1.38 38.46 -16.81
CA ASP C 86 -0.62 38.43 -15.57
C ASP C 86 -1.10 39.50 -14.58
N ALA C 87 -1.66 40.58 -15.08
CA ALA C 87 -2.32 41.59 -14.23
C ALA C 87 -3.67 41.10 -13.68
N VAL C 88 -4.37 40.28 -14.47
CA VAL C 88 -5.59 39.68 -13.95
C VAL C 88 -5.21 38.65 -12.89
N ALA C 89 -4.19 37.84 -13.18
CA ALA C 89 -3.75 36.79 -12.26
C ALA C 89 -3.23 37.37 -10.93
N GLU C 90 -2.37 38.38 -11.00
CA GLU C 90 -1.95 39.04 -9.78
C GLU C 90 -3.14 39.64 -9.04
N ALA C 91 -3.97 40.45 -9.68
CA ALA C 91 -5.04 41.12 -8.91
C ALA C 91 -5.96 40.14 -8.16
N LEU C 92 -5.85 38.84 -8.46
CA LEU C 92 -6.72 37.82 -7.84
C LEU C 92 -6.00 37.04 -6.74
N GLY C 93 -4.66 37.08 -6.78
CA GLY C 93 -3.80 36.47 -5.78
C GLY C 93 -3.03 35.31 -6.38
N GLY C 94 -2.95 35.28 -7.71
CA GLY C 94 -2.37 34.12 -8.43
C GLY C 94 -3.38 33.03 -8.78
N LEU C 95 -3.01 32.15 -9.68
CA LEU C 95 -3.81 30.99 -10.03
C LEU C 95 -2.92 29.76 -10.02
N PRO C 96 -3.51 28.58 -9.77
CA PRO C 96 -2.72 27.36 -10.03
C PRO C 96 -2.19 27.50 -11.44
N LYS C 97 -0.92 27.14 -11.65
CA LYS C 97 -0.42 26.92 -12.99
C LYS C 97 -1.41 25.90 -13.50
N GLN C 98 -1.88 26.01 -14.73
CA GLN C 98 -2.93 25.08 -15.20
C GLN C 98 -4.32 25.69 -15.21
N LYS C 99 -4.57 26.57 -14.26
CA LYS C 99 -5.68 27.52 -14.36
C LYS C 99 -5.27 28.78 -15.14
N MET C 100 -3.98 28.88 -15.48
CA MET C 100 -3.39 30.09 -16.11
C MET C 100 -4.04 30.50 -17.44
N HIS C 101 -4.46 29.54 -18.23
CA HIS C 101 -5.13 29.83 -19.50
C HIS C 101 -6.52 30.50 -19.27
N CYS C 102 -7.11 30.33 -18.09
CA CYS C 102 -8.42 30.92 -17.84
C CYS C 102 -8.32 32.46 -17.67
N SER C 103 -7.16 32.95 -17.20
CA SER C 103 -6.93 34.41 -17.16
C SER C 103 -6.63 34.91 -18.56
N ASN C 104 -5.81 34.18 -19.29
CA ASN C 104 -5.70 34.33 -20.74
C ASN C 104 -7.02 34.59 -21.43
N LEU C 105 -7.94 33.63 -21.31
CA LEU C 105 -9.27 33.75 -21.93
C LEU C 105 -9.89 35.13 -21.74
N ALA C 106 -9.86 35.65 -20.52
CA ALA C 106 -10.46 36.97 -20.18
C ALA C 106 -9.66 38.14 -20.77
N ALA C 107 -8.35 38.06 -20.65
CA ALA C 107 -7.47 39.04 -21.24
C ALA C 107 -7.77 39.16 -22.72
N ASP C 108 -7.73 38.03 -23.45
CA ASP C 108 -8.02 38.03 -24.89
C ASP C 108 -9.39 38.64 -25.22
N ALA C 109 -10.43 38.15 -24.57
CA ALA C 109 -11.77 38.59 -24.84
C ALA C 109 -11.89 40.14 -24.71
N LEU C 110 -11.24 40.69 -23.69
CA LEU C 110 -11.13 42.13 -23.51
C LEU C 110 -10.31 42.80 -24.62
N ARG C 111 -9.18 42.22 -25.01
CA ARG C 111 -8.43 42.81 -26.12
C ARG C 111 -9.30 42.78 -27.41
N ARG C 112 -9.94 41.66 -27.70
CA ARG C 112 -10.78 41.53 -28.90
C ARG C 112 -11.96 42.50 -28.96
N ALA C 113 -12.61 42.76 -27.83
CA ALA C 113 -13.72 43.72 -27.83
C ALA C 113 -13.22 45.13 -28.20
N ILE C 114 -12.00 45.46 -27.79
CA ILE C 114 -11.34 46.73 -28.16
C ILE C 114 -10.97 46.79 -29.66
N VAL C 115 -10.25 45.79 -30.15
CA VAL C 115 -10.01 45.71 -31.58
C VAL C 115 -11.32 45.79 -32.32
N ASP C 116 -12.38 45.25 -31.72
CA ASP C 116 -13.66 45.19 -32.42
C ASP C 116 -14.26 46.58 -32.53
N TYR C 117 -14.15 47.34 -31.44
CA TYR C 117 -14.59 48.71 -31.41
C TYR C 117 -13.84 49.56 -32.46
N PHE C 118 -12.54 49.30 -32.60
CA PHE C 118 -11.70 49.98 -33.58
C PHE C 118 -12.14 49.62 -35.02
N ARG C 119 -12.41 48.34 -35.27
CA ARG C 119 -12.67 47.82 -36.64
C ARG C 119 -14.04 48.23 -37.16
N LYS C 120 -14.99 48.35 -36.25
CA LYS C 120 -16.35 48.80 -36.56
C LYS C 120 -16.37 50.29 -36.84
N ASN C 121 -15.41 51.02 -36.26
CA ASN C 121 -15.36 52.48 -36.40
C ASN C 121 -14.21 52.99 -37.26
N GLY C 122 -13.70 52.17 -38.16
CA GLY C 122 -12.67 52.65 -39.08
C GLY C 122 -11.33 53.04 -38.48
N LYS C 123 -11.24 53.08 -37.14
CA LYS C 123 -9.98 53.44 -36.47
C LYS C 123 -8.90 52.37 -36.65
N ILE C 124 -8.66 51.97 -37.90
CA ILE C 124 -7.79 50.86 -38.26
C ILE C 124 -6.31 51.19 -38.14
N ASP C 125 -5.97 52.47 -38.29
CA ASP C 125 -4.60 52.94 -38.02
C ASP C 125 -4.27 52.62 -36.54
N LYS C 126 -5.24 52.81 -35.65
CA LYS C 126 -5.00 52.55 -34.22
C LYS C 126 -4.74 51.08 -33.92
N ILE C 127 -5.34 50.18 -34.70
CA ILE C 127 -4.98 48.75 -34.62
C ILE C 127 -3.51 48.58 -34.93
N LYS C 128 -3.04 49.26 -35.99
CA LYS C 128 -1.62 49.24 -36.34
C LYS C 128 -0.83 49.84 -35.20
N GLU C 129 -1.26 51.02 -34.74
CA GLU C 129 -0.49 51.83 -33.79
C GLU C 129 -0.19 51.07 -32.50
N LEU C 130 -1.16 50.29 -32.02
CA LEU C 130 -1.02 49.55 -30.74
C LEU C 130 -0.67 48.07 -30.93
N GLY C 131 -0.31 47.67 -32.14
CA GLY C 131 0.30 46.35 -32.36
C GLY C 131 -0.66 45.19 -32.59
N LEU C 132 -1.93 45.42 -32.31
CA LEU C 132 -2.96 44.38 -32.32
C LEU C 132 -3.34 43.86 -33.71
N GLU C 133 -2.56 44.20 -34.73
CA GLU C 133 -2.67 43.56 -36.05
C GLU C 133 -2.68 42.03 -35.93
N LYS C 134 -1.82 41.47 -35.08
CA LYS C 134 -1.77 40.01 -34.89
C LYS C 134 -3.12 39.50 -34.35
N GLU C 135 -3.61 40.09 -33.26
CA GLU C 135 -4.91 39.71 -32.70
C GLU C 135 -6.06 39.94 -33.68
N LEU C 136 -6.01 41.01 -34.47
CA LEU C 136 -7.05 41.30 -35.46
C LEU C 136 -7.03 40.28 -36.58
N GLU C 137 -5.83 39.91 -37.01
CA GLU C 137 -5.66 38.90 -38.06
C GLU C 137 -6.29 37.59 -37.59
N LYS C 138 -6.13 37.27 -36.30
CA LYS C 138 -6.66 36.02 -35.75
C LYS C 138 -8.21 35.92 -35.72
N MET C 139 -8.93 36.82 -36.41
CA MET C 139 -10.39 36.66 -36.58
C MET C 139 -10.81 36.76 -38.04
N TYR D 2 1.22 -22.83 17.50
CA TYR D 2 1.38 -24.05 18.38
C TYR D 2 0.21 -24.26 19.36
N SER D 3 -0.33 -25.47 19.37
CA SER D 3 -1.43 -25.83 20.27
C SER D 3 -1.05 -25.66 21.74
N ASP D 4 -2.06 -25.57 22.59
CA ASP D 4 -1.84 -25.47 24.03
C ASP D 4 -1.10 -26.69 24.56
N LYS D 5 -1.15 -27.79 23.82
CA LYS D 5 -0.48 -29.03 24.24
C LYS D 5 0.98 -28.98 23.93
N VAL D 6 1.32 -28.48 22.74
CA VAL D 6 2.71 -28.20 22.35
C VAL D 6 3.39 -27.28 23.39
N PHE D 7 2.69 -26.23 23.80
CA PHE D 7 3.22 -25.32 24.82
C PHE D 7 3.52 -26.04 26.16
N ASP D 8 2.52 -26.73 26.71
CA ASP D 8 2.65 -27.52 27.94
C ASP D 8 3.90 -28.39 27.90
N HIS D 9 4.07 -29.15 26.82
CA HIS D 9 5.24 -29.98 26.66
C HIS D 9 6.50 -29.20 26.32
N PHE D 10 6.38 -27.92 25.97
CA PHE D 10 7.58 -27.12 25.74
C PHE D 10 8.18 -26.57 27.02
N GLN D 11 7.31 -26.00 27.88
CA GLN D 11 7.73 -25.40 29.15
C GLN D 11 8.09 -26.49 30.18
N ASN D 12 7.39 -27.63 30.11
CA ASN D 12 7.53 -28.71 31.09
C ASN D 12 7.90 -30.03 30.43
N PRO D 13 8.98 -30.05 29.65
CA PRO D 13 9.21 -31.29 28.91
C PRO D 13 9.37 -32.54 29.80
N ARG D 14 8.67 -33.63 29.48
CA ARG D 14 8.79 -34.91 30.22
C ARG D 14 10.04 -35.64 29.80
N ASN D 15 10.76 -36.19 30.78
CA ASN D 15 11.86 -37.14 30.57
C ASN D 15 13.12 -36.57 29.94
N VAL D 16 13.57 -35.41 30.39
CA VAL D 16 14.83 -34.86 29.87
C VAL D 16 16.03 -35.55 30.54
N GLY D 17 17.00 -35.99 29.74
CA GLY D 17 18.25 -36.54 30.28
C GLY D 17 18.91 -37.68 29.52
N LYS D 18 19.59 -38.54 30.28
CA LYS D 18 20.29 -39.70 29.75
C LYS D 18 20.43 -40.81 30.80
N ILE D 19 20.51 -42.04 30.32
CA ILE D 19 20.90 -43.21 31.13
C ILE D 19 22.22 -43.79 30.60
N GLU D 20 23.26 -43.70 31.43
CA GLU D 20 24.67 -43.98 31.07
C GLU D 20 24.94 -45.40 30.54
N ASP D 21 25.88 -45.48 29.59
CA ASP D 21 26.34 -46.72 28.94
C ASP D 21 25.34 -47.89 29.01
N ALA D 22 24.17 -47.70 28.37
CA ALA D 22 23.01 -48.62 28.52
C ALA D 22 22.35 -49.08 27.19
N ASP D 23 21.14 -49.64 27.32
CA ASP D 23 20.47 -50.45 26.26
C ASP D 23 20.29 -49.82 24.87
N GLY D 24 19.13 -49.20 24.62
CA GLY D 24 18.87 -48.51 23.36
C GLY D 24 19.13 -47.00 23.37
N VAL D 25 19.89 -46.55 22.38
CA VAL D 25 20.20 -45.13 22.21
C VAL D 25 20.27 -44.76 20.71
N GLY D 26 19.33 -43.94 20.24
CA GLY D 26 19.28 -43.56 18.82
C GLY D 26 19.57 -42.10 18.53
N THR D 27 20.57 -41.83 17.69
CA THR D 27 20.94 -40.47 17.29
C THR D 27 20.57 -40.23 15.83
N VAL D 28 19.78 -39.17 15.60
CA VAL D 28 19.46 -38.71 14.25
C VAL D 28 19.55 -37.19 14.23
N GLY D 29 19.93 -36.67 13.07
CA GLY D 29 19.89 -35.25 12.78
C GLY D 29 19.11 -35.04 11.49
N ASN D 30 18.69 -33.80 11.25
CA ASN D 30 17.95 -33.47 10.05
C ASN D 30 18.81 -32.68 9.07
N PRO D 31 18.91 -33.16 7.82
CA PRO D 31 19.72 -32.54 6.77
C PRO D 31 19.26 -31.13 6.41
N VAL D 32 18.01 -30.80 6.76
CA VAL D 32 17.37 -29.57 6.27
C VAL D 32 17.54 -28.35 7.19
N CYS D 33 17.50 -28.57 8.50
CA CYS D 33 17.50 -27.47 9.47
C CYS D 33 18.52 -27.66 10.59
N GLY D 34 19.31 -28.73 10.51
CA GLY D 34 20.43 -28.92 11.42
C GLY D 34 20.15 -29.54 12.78
N ASP D 35 18.89 -29.80 13.10
CA ASP D 35 18.54 -30.27 14.44
C ASP D 35 19.08 -31.68 14.76
N LEU D 36 19.31 -31.92 16.05
CA LEU D 36 19.94 -33.13 16.56
C LEU D 36 19.24 -33.64 17.81
N MET D 37 18.99 -34.95 17.87
CA MET D 37 18.26 -35.56 18.98
C MET D 37 18.81 -36.92 19.43
N THR D 38 18.82 -37.13 20.75
CA THR D 38 19.21 -38.41 21.33
C THR D 38 18.23 -38.98 22.35
N ILE D 39 17.86 -40.23 22.14
CA ILE D 39 16.83 -40.90 22.93
C ILE D 39 17.40 -42.04 23.79
N TYR D 40 16.99 -42.09 25.05
CA TYR D 40 17.46 -43.09 25.99
C TYR D 40 16.33 -43.98 26.52
N ILE D 41 16.52 -45.31 26.45
CA ILE D 41 15.50 -46.32 26.84
C ILE D 41 16.05 -47.52 27.64
N LYS D 42 15.17 -48.16 28.42
CA LYS D 42 15.43 -49.48 29.04
C LYS D 42 14.15 -50.35 29.07
N VAL D 43 14.34 -51.67 29.09
CA VAL D 43 13.23 -52.63 28.82
C VAL D 43 13.00 -53.73 29.90
N LYS D 44 11.83 -54.39 29.85
CA LYS D 44 11.40 -55.41 30.83
C LYS D 44 11.74 -56.84 30.38
N ASP D 45 11.33 -57.16 29.16
CA ASP D 45 11.88 -58.25 28.35
C ASP D 45 11.65 -57.82 26.89
N ASN D 46 10.49 -57.16 26.69
CA ASN D 46 10.15 -56.31 25.52
C ASN D 46 9.07 -55.26 25.94
N ARG D 47 9.31 -54.54 27.05
CA ARG D 47 8.32 -53.57 27.56
C ARG D 47 8.94 -52.37 28.34
N ILE D 48 9.10 -51.24 27.66
CA ILE D 48 9.85 -50.05 28.17
C ILE D 48 9.48 -49.54 29.58
N GLU D 49 10.44 -49.61 30.50
CA GLU D 49 10.23 -49.20 31.91
C GLU D 49 11.01 -47.92 32.28
N ASP D 50 12.00 -47.55 31.46
CA ASP D 50 12.78 -46.32 31.65
C ASP D 50 13.10 -45.59 30.34
N ILE D 51 12.81 -44.29 30.31
CA ILE D 51 13.05 -43.47 29.11
C ILE D 51 13.29 -41.97 29.41
N LYS D 52 14.29 -41.40 28.72
CA LYS D 52 14.67 -39.95 28.80
C LYS D 52 15.18 -39.44 27.43
N PHE D 53 15.17 -38.12 27.22
CA PHE D 53 15.64 -37.58 25.94
C PHE D 53 16.63 -36.40 26.08
N GLN D 54 17.48 -36.25 25.07
CA GLN D 54 18.32 -35.06 24.91
C GLN D 54 18.15 -34.47 23.49
N THR D 55 17.66 -33.23 23.40
CA THR D 55 17.36 -32.65 22.07
C THR D 55 17.95 -31.27 21.73
N PHE D 56 18.33 -31.10 20.48
CA PHE D 56 18.77 -29.82 19.97
C PHE D 56 17.91 -29.32 18.81
N GLY D 57 16.99 -28.41 19.12
CA GLY D 57 16.17 -27.78 18.09
C GLY D 57 15.08 -26.85 18.60
N CYS D 58 14.07 -26.70 17.75
CA CYS D 58 13.00 -25.73 17.96
C CYS D 58 11.96 -26.24 18.95
N ALA D 59 11.17 -25.33 19.52
CA ALA D 59 10.06 -25.66 20.42
C ALA D 59 9.25 -26.88 19.97
N ALA D 60 8.90 -26.91 18.69
CA ALA D 60 8.23 -28.06 18.13
C ALA D 60 9.05 -29.32 18.42
N ALA D 61 10.32 -29.29 18.03
CA ALA D 61 11.25 -30.41 18.27
C ALA D 61 11.36 -30.87 19.74
N ILE D 62 11.43 -29.92 20.67
CA ILE D 62 11.53 -30.32 22.04
C ILE D 62 10.20 -30.96 22.46
N ALA D 63 9.10 -30.47 21.90
CA ALA D 63 7.77 -31.00 22.27
C ALA D 63 7.47 -32.39 21.70
N THR D 64 8.09 -32.73 20.58
CA THR D 64 7.86 -34.03 19.97
C THR D 64 8.53 -35.14 20.77
N SER D 65 9.79 -34.92 21.14
CA SER D 65 10.50 -35.83 22.02
C SER D 65 9.82 -36.00 23.39
N SER D 66 9.46 -34.91 24.07
CA SER D 66 8.68 -34.99 25.31
C SER D 66 7.40 -35.83 25.13
N MET D 67 6.61 -35.54 24.11
CA MET D 67 5.41 -36.34 23.82
C MET D 67 5.75 -37.76 23.31
N ALA D 68 6.79 -37.90 22.48
CA ALA D 68 7.20 -39.21 21.95
C ALA D 68 7.67 -40.15 23.05
N THR D 69 8.44 -39.58 23.99
CA THR D 69 9.00 -40.34 25.12
C THR D 69 7.90 -40.79 26.05
N GLU D 70 7.00 -39.87 26.41
CA GLU D 70 5.91 -40.13 27.36
C GLU D 70 4.80 -40.98 26.72
N MET D 71 4.82 -41.09 25.40
CA MET D 71 3.92 -42.02 24.70
C MET D 71 4.48 -43.44 24.71
N ALA D 72 5.79 -43.56 24.91
CA ALA D 72 6.47 -44.84 24.83
C ALA D 72 6.82 -45.43 26.21
N LYS D 73 6.21 -44.88 27.27
CA LYS D 73 6.45 -45.31 28.67
C LYS D 73 5.45 -46.37 29.13
N GLY D 74 5.98 -47.53 29.50
CA GLY D 74 5.17 -48.67 29.95
C GLY D 74 4.69 -49.58 28.82
N LYS D 75 4.98 -49.20 27.58
CA LYS D 75 4.50 -49.93 26.40
C LYS D 75 5.55 -50.91 25.88
N THR D 76 5.09 -52.00 25.26
CA THR D 76 5.98 -53.01 24.68
C THR D 76 6.72 -52.51 23.42
N ILE D 77 7.72 -53.27 22.98
CA ILE D 77 8.47 -52.96 21.75
C ILE D 77 7.55 -52.88 20.54
N GLU D 78 6.59 -53.80 20.49
CA GLU D 78 5.59 -53.86 19.42
C GLU D 78 4.73 -52.60 19.36
N GLU D 79 4.28 -52.14 20.54
CA GLU D 79 3.37 -51.00 20.67
C GLU D 79 4.04 -49.66 20.31
N ALA D 80 5.29 -49.47 20.75
CA ALA D 80 5.98 -48.19 20.51
C ALA D 80 6.75 -48.14 19.17
N LEU D 81 6.68 -49.21 18.39
CA LEU D 81 7.03 -49.14 16.96
C LEU D 81 5.88 -48.49 16.20
N LYS D 82 4.69 -48.51 16.79
CA LYS D 82 3.51 -47.84 16.22
C LYS D 82 3.40 -46.34 16.57
N ILE D 83 4.42 -45.78 17.23
CA ILE D 83 4.48 -44.32 17.45
C ILE D 83 5.18 -43.64 16.28
N THR D 84 4.41 -43.26 15.27
CA THR D 84 4.93 -42.69 14.02
C THR D 84 5.01 -41.15 14.06
N ARG D 85 5.49 -40.56 12.98
CA ARG D 85 5.51 -39.10 12.81
C ARG D 85 4.10 -38.55 13.06
N ASP D 86 3.11 -39.21 12.48
CA ASP D 86 1.75 -38.72 12.51
C ASP D 86 1.06 -38.92 13.86
N ALA D 87 1.51 -39.95 14.58
CA ALA D 87 0.93 -40.25 15.89
C ALA D 87 1.36 -39.25 16.97
N VAL D 88 2.66 -38.91 16.97
CA VAL D 88 3.15 -37.93 17.91
C VAL D 88 2.44 -36.63 17.59
N ALA D 89 2.32 -36.35 16.29
CA ALA D 89 1.73 -35.11 15.81
C ALA D 89 0.28 -34.97 16.26
N GLU D 90 -0.51 -36.03 16.10
CA GLU D 90 -1.94 -35.98 16.45
C GLU D 90 -2.14 -35.86 17.95
N ALA D 91 -1.26 -36.50 18.70
CA ALA D 91 -1.29 -36.43 20.16
C ALA D 91 -1.05 -34.99 20.63
N LEU D 92 -0.09 -34.34 19.97
CA LEU D 92 0.26 -32.93 20.24
C LEU D 92 -0.77 -31.96 19.66
N GLY D 93 -1.84 -32.53 19.08
CA GLY D 93 -2.99 -31.77 18.65
C GLY D 93 -2.68 -30.98 17.40
N GLY D 94 -1.86 -31.58 16.52
CA GLY D 94 -1.49 -30.99 15.22
C GLY D 94 -0.27 -30.08 15.27
N LEU D 95 0.36 -29.91 14.10
CA LEU D 95 1.52 -29.03 13.97
C LEU D 95 1.42 -28.33 12.64
N PRO D 96 2.10 -27.16 12.49
CA PRO D 96 2.10 -26.51 11.19
C PRO D 96 2.95 -27.34 10.22
N LYS D 97 2.53 -27.46 8.96
CA LYS D 97 3.39 -28.00 7.89
C LYS D 97 4.73 -27.30 8.05
N GLN D 98 5.83 -28.00 7.86
CA GLN D 98 7.13 -27.35 8.12
C GLN D 98 7.65 -27.65 9.55
N LYS D 99 6.73 -27.87 10.49
CA LYS D 99 7.09 -28.41 11.79
C LYS D 99 6.93 -29.93 11.80
N MET D 100 6.31 -30.48 10.76
CA MET D 100 6.12 -31.93 10.66
C MET D 100 7.42 -32.76 10.77
N HIS D 101 8.49 -32.33 10.09
CA HIS D 101 9.79 -32.99 10.17
C HIS D 101 10.32 -33.08 11.60
N CYS D 102 9.84 -32.21 12.49
CA CYS D 102 10.18 -32.31 13.91
C CYS D 102 9.59 -33.57 14.59
N SER D 103 8.45 -34.03 14.07
CA SER D 103 7.87 -35.30 14.51
C SER D 103 8.66 -36.48 13.98
N ASN D 104 9.04 -36.45 12.70
CA ASN D 104 9.88 -37.48 12.09
C ASN D 104 11.14 -37.71 12.94
N LEU D 105 11.70 -36.63 13.48
CA LEU D 105 12.93 -36.68 14.25
C LEU D 105 12.73 -37.37 15.58
N ALA D 106 11.59 -37.12 16.19
CA ALA D 106 11.24 -37.78 17.44
C ALA D 106 10.78 -39.23 17.20
N ALA D 107 10.38 -39.51 15.96
CA ALA D 107 9.97 -40.85 15.55
C ALA D 107 11.18 -41.70 15.21
N ASP D 108 12.11 -41.14 14.46
CA ASP D 108 13.30 -41.88 14.05
C ASP D 108 14.36 -42.01 15.14
N ALA D 109 14.31 -41.15 16.15
CA ALA D 109 15.17 -41.29 17.32
C ALA D 109 14.62 -42.31 18.29
N LEU D 110 13.31 -42.59 18.18
CA LEU D 110 12.73 -43.68 18.95
C LEU D 110 12.82 -44.96 18.12
N ARG D 111 12.88 -44.80 16.80
CA ARG D 111 13.12 -45.90 15.88
C ARG D 111 14.51 -46.44 16.21
N ARG D 112 15.53 -45.58 16.18
CA ARG D 112 16.94 -45.99 16.24
C ARG D 112 17.40 -46.59 17.58
N ALA D 113 16.73 -46.22 18.66
CA ALA D 113 16.99 -46.75 20.01
C ALA D 113 16.21 -48.06 20.26
N ILE D 114 15.43 -48.47 19.26
CA ILE D 114 14.90 -49.82 19.22
C ILE D 114 15.85 -50.63 18.34
N VAL D 115 16.45 -49.97 17.35
CA VAL D 115 17.46 -50.58 16.50
C VAL D 115 18.79 -50.74 17.25
N ASP D 116 18.79 -50.43 18.55
CA ASP D 116 19.97 -50.61 19.38
C ASP D 116 19.81 -51.78 20.33
N TYR D 117 18.71 -51.80 21.10
CA TYR D 117 18.37 -52.94 21.95
C TYR D 117 18.27 -54.22 21.11
N PHE D 118 18.44 -54.07 19.79
CA PHE D 118 18.51 -55.19 18.85
C PHE D 118 19.94 -55.44 18.33
N ARG D 119 20.58 -54.43 17.76
CA ARG D 119 21.98 -54.53 17.32
C ARG D 119 22.91 -54.82 18.49
N LYS D 120 22.58 -54.26 19.66
CA LYS D 120 23.22 -54.58 20.96
C LYS D 120 22.34 -55.50 21.82
N ASN D 121 22.38 -56.78 21.43
CA ASN D 121 21.72 -57.94 22.07
C ASN D 121 21.72 -59.05 21.01
N GLY D 122 22.24 -58.70 19.82
CA GLY D 122 22.39 -59.61 18.69
C GLY D 122 21.12 -60.26 18.13
N LYS D 123 20.18 -59.43 17.68
CA LYS D 123 18.93 -59.94 17.11
C LYS D 123 18.68 -59.37 15.70
N ILE D 124 19.34 -59.95 14.69
CA ILE D 124 19.27 -59.48 13.30
C ILE D 124 18.05 -60.02 12.53
N ASP D 125 17.39 -61.02 13.09
CA ASP D 125 16.15 -61.57 12.51
C ASP D 125 14.94 -60.66 12.79
N LYS D 126 14.94 -60.01 13.95
CA LYS D 126 13.86 -59.10 14.35
C LYS D 126 13.91 -57.81 13.53
N ILE D 127 15.12 -57.37 13.17
CA ILE D 127 15.34 -56.19 12.31
C ILE D 127 14.85 -56.41 10.84
N LYS D 128 15.25 -57.53 10.22
CA LYS D 128 14.77 -57.84 8.85
C LYS D 128 13.32 -58.33 8.81
N GLU D 129 12.80 -58.76 9.97
CA GLU D 129 11.39 -59.22 10.11
C GLU D 129 10.39 -58.15 10.62
N LEU D 130 10.90 -57.10 11.27
CA LEU D 130 10.07 -55.95 11.67
C LEU D 130 10.07 -54.85 10.60
N GLY D 131 10.37 -55.23 9.37
CA GLY D 131 10.46 -54.31 8.23
C GLY D 131 11.39 -53.12 8.47
N LEU D 132 12.12 -53.16 9.60
CA LEU D 132 12.99 -52.06 10.02
C LEU D 132 14.44 -52.23 9.54
N GLU D 133 14.61 -52.81 8.35
CA GLU D 133 15.95 -53.11 7.80
C GLU D 133 16.77 -51.88 7.46
N LYS D 134 16.09 -50.80 7.04
CA LYS D 134 16.76 -49.57 6.59
C LYS D 134 17.64 -48.86 7.65
N GLU D 135 17.23 -48.92 8.92
CA GLU D 135 17.91 -48.18 9.99
C GLU D 135 19.16 -48.85 10.62
N LEU D 136 19.18 -50.19 10.67
CA LEU D 136 20.38 -50.94 11.07
C LEU D 136 21.44 -50.79 10.00
N GLU D 137 20.98 -50.69 8.75
CA GLU D 137 21.79 -50.32 7.59
C GLU D 137 21.89 -48.79 7.49
N LYS D 138 22.06 -48.13 8.64
CA LYS D 138 22.23 -46.69 8.74
C LYS D 138 22.94 -46.27 10.04
N MET D 139 23.07 -47.22 10.98
CA MET D 139 23.78 -46.98 12.25
C MET D 139 24.48 -48.23 12.77
N1 PLP E . -11.76 0.63 -8.86
C2 PLP E . -12.87 1.40 -8.88
C2A PLP E . -14.13 0.87 -9.55
C3 PLP E . -12.85 2.67 -8.26
O3 PLP E . -13.96 3.46 -8.26
C4 PLP E . -11.68 3.10 -7.64
C4A PLP E . -11.64 4.42 -7.01
O4A PLP E . -12.49 4.71 -6.20
C5 PLP E . -10.55 2.28 -7.65
C6 PLP E . -10.62 1.03 -8.26
C5A PLP E . -9.24 2.66 -6.97
O4P PLP E . -9.37 2.65 -5.53
P PLP E . -8.28 3.40 -4.59
O1P PLP E . -7.07 2.52 -4.72
O2P PLP E . -8.79 3.41 -3.19
O3P PLP E . -8.05 4.77 -5.20
C1 GOL F . -22.05 -7.38 -0.68
O1 GOL F . -22.91 -6.35 -1.15
C2 GOL F . -22.92 -8.60 -0.32
O2 GOL F . -22.55 -9.72 -1.13
C3 GOL F . -22.73 -8.91 1.15
O3 GOL F . -22.91 -10.27 1.49
C1 GOL G . 6.11 -6.05 -13.66
O1 GOL G . 6.26 -7.26 -14.43
C2 GOL G . 6.23 -6.31 -12.15
O2 GOL G . 7.07 -7.44 -11.82
C3 GOL G . 6.78 -5.04 -11.49
O3 GOL G . 7.44 -5.43 -10.28
N1 EPE H . -22.08 -15.41 3.31
C2 EPE H . -23.22 -16.00 4.03
C3 EPE H . -23.62 -15.07 5.16
N4 EPE H . -23.69 -13.66 4.79
C5 EPE H . -22.76 -13.10 3.80
C6 EPE H . -22.47 -14.10 2.69
C7 EPE H . -24.30 -12.77 5.75
C8 EPE H . -25.74 -13.14 6.14
O8 EPE H . -25.78 -13.88 7.35
C9 EPE H . -21.60 -16.29 2.24
C10 EPE H . -21.38 -17.72 2.69
S EPE H . -20.09 -17.92 3.94
O1S EPE H . -20.22 -16.87 4.94
O2S EPE H . -18.78 -17.86 3.34
O3S EPE H . -20.24 -19.25 4.53
N1 PLP I . 14.34 -2.14 5.51
C2 PLP I . 14.81 -2.63 6.67
C2A PLP I . 16.20 -2.37 7.15
C3 PLP I . 14.02 -3.43 7.45
O3 PLP I . 14.49 -3.96 8.59
C4 PLP I . 12.76 -3.73 7.06
C4A PLP I . 11.99 -4.60 7.96
O4A PLP I . 11.18 -4.13 8.71
C5 PLP I . 12.28 -3.21 5.88
C6 PLP I . 13.10 -2.39 5.12
C5A PLP I . 10.86 -3.49 5.41
O4P PLP I . 9.91 -2.94 6.35
P PLP I . 8.31 -3.19 6.13
O1P PLP I . 7.68 -2.33 7.20
O2P PLP I . 8.00 -2.89 4.66
O3P PLP I . 8.19 -4.64 6.50
C1 GOL J . 0.10 4.29 0.01
O1 GOL J . 0.12 5.21 -1.11
C2 GOL J . -0.96 4.75 1.00
O2 GOL J . -0.85 4.13 2.28
C3 GOL J . -0.78 6.27 1.10
O3 GOL J . -1.57 6.88 0.08
FE1 FES K . -10.74 27.08 -16.61
FE2 FES K . -11.53 25.15 -18.85
S1 FES K . -12.31 27.12 -18.19
S2 FES K . -9.97 25.08 -17.27
FE1 FES L . 11.74 -28.01 14.52
FE2 FES L . 14.53 -27.21 13.12
S1 FES L . 13.89 -28.46 14.82
S2 FES L . 12.37 -26.96 12.66
#